data_1SQI
#
_entry.id   1SQI
#
_cell.length_a   61.611
_cell.length_b   107.481
_cell.length_c   133.029
_cell.angle_alpha   90.00
_cell.angle_beta   90.00
_cell.angle_gamma   90.00
#
_symmetry.space_group_name_H-M   'P 21 21 21'
#
loop_
_entity.id
_entity.type
_entity.pdbx_description
1 polymer '4-hydroxyphenylpyruvic acid dioxygenase'
2 non-polymer 'FE (III) ION'
3 non-polymer "(1-TERT-BUTYL-5-HYDROXY-1H-PYRAZOL-4-YL)[6-(METHYLSULFONYL)-4'-METHOXY-2-METHYL-1,1'-BIPHENYL-3-YL]METHANONE"
4 water water
#
_entity_poly.entity_id   1
_entity_poly.type   'polypeptide(L)'
_entity_poly.pdbx_seq_one_letter_code
;MTTYSNKGPKPERGRFLHFHSVTFWVGNAKQAASFYCNKMGFEPLAYKGLETGSREVVSHVIKQGKIVFVLCSALNPWNK
EMGDHLVKHGDGVKDIAFEVEDCEHIVQKARERGAKIVREPWVEEDKFGKVKFAVLQTYGDTTHTLVEKINYTGRFLPGF
EAPTYKDTLLPKLPSCNLEIIDHIVGNQPDQEMESASEWYLKNLQFHRFWSVDDTQVHTEYSSLRSIVVANYEESIKMPI
NEPAPGRKKSQIQEYVDYNGGAGVQHIALRTEDIITTIRHLRERGMEFLAVPSSYYRLLRENLKTSKIQVKENMDVLEEL
KILVDYDEKGYLLQIFTKPMQDRPTLFLEVIQRHNHQGFGAGNFNSLFKAFEEEQALRGNLTDLETNGVRSGM
;
_entity_poly.pdbx_strand_id   A,B
#
loop_
_chem_comp.id
_chem_comp.type
_chem_comp.name
_chem_comp.formula
869 non-polymer (1-TERT-BUTYL-5-HYDROXY-1H-PYRAZOL-4-YL)[6-(METHYLSULFONYL)-4'-METHOXY-2-METHYL-1,1'-BIPHENYL-3-YL]METHANONE 'C23 H26 N2 O5 S'
FE non-polymer 'FE (III) ION' 'Fe 3'
#
# COMPACT_ATOMS: atom_id res chain seq x y z
N GLY A 8 -3.49 10.51 41.21
CA GLY A 8 -3.88 11.75 41.88
C GLY A 8 -5.40 11.90 41.91
N PRO A 9 -5.86 13.15 41.93
CA PRO A 9 -7.26 13.47 42.04
C PRO A 9 -8.07 13.01 40.84
N LYS A 10 -9.20 12.34 41.11
CA LYS A 10 -10.15 12.05 40.04
C LYS A 10 -10.68 13.36 39.46
N PRO A 11 -10.64 13.46 38.14
CA PRO A 11 -11.15 14.61 37.43
C PRO A 11 -12.65 14.75 37.63
N GLU A 12 -13.13 15.98 37.86
CA GLU A 12 -14.52 16.22 38.21
C GLU A 12 -15.49 15.71 37.14
N ARG A 13 -15.21 16.10 35.90
CA ARG A 13 -16.11 15.90 34.77
C ARG A 13 -15.35 15.26 33.61
N GLY A 14 -16.01 14.29 32.99
CA GLY A 14 -15.45 13.65 31.81
C GLY A 14 -14.77 12.33 32.14
N ARG A 15 -14.67 11.53 31.08
CA ARG A 15 -14.09 10.21 31.11
C ARG A 15 -13.54 9.90 29.72
N PHE A 16 -12.37 9.27 29.70
CA PHE A 16 -11.82 8.73 28.46
C PHE A 16 -12.02 7.22 28.48
N LEU A 17 -13.14 6.78 27.93
CA LEU A 17 -13.54 5.38 28.00
C LEU A 17 -12.47 4.48 27.40
N HIS A 18 -12.29 4.56 26.08
CA HIS A 18 -11.36 3.70 25.36
C HIS A 18 -10.70 4.43 24.18
N PHE A 19 -9.68 3.78 23.61
CA PHE A 19 -9.22 4.09 22.27
C PHE A 19 -10.36 3.86 21.28
N HIS A 20 -10.83 4.88 20.57
CA HIS A 20 -11.93 4.68 19.63
C HIS A 20 -11.42 4.06 18.32
N SER A 21 -10.27 4.51 17.86
CA SER A 21 -9.71 4.04 16.61
C SER A 21 -8.45 4.84 16.27
N VAL A 22 -7.72 4.39 15.25
CA VAL A 22 -6.48 5.04 14.87
C VAL A 22 -6.54 5.39 13.39
N THR A 23 -6.41 6.68 13.07
CA THR A 23 -6.46 7.13 11.68
C THR A 23 -5.06 7.20 11.09
N PHE A 24 -4.87 6.49 9.99
CA PHE A 24 -3.60 6.50 9.28
C PHE A 24 -3.74 7.34 8.00
N TRP A 25 -2.77 8.20 7.74
CA TRP A 25 -2.73 8.96 6.49
C TRP A 25 -1.69 8.35 5.56
N VAL A 26 -2.11 7.93 4.38
CA VAL A 26 -1.35 6.88 3.67
C VAL A 26 -1.35 7.18 2.18
N GLY A 27 -0.34 6.70 1.45
CA GLY A 27 -0.25 6.90 0.02
C GLY A 27 -1.42 6.28 -0.74
N ASN A 28 -1.81 5.07 -0.34
CA ASN A 28 -2.84 4.34 -1.08
C ASN A 28 -3.79 3.63 -0.13
N ALA A 29 -4.83 4.34 0.30
CA ALA A 29 -5.77 3.82 1.28
C ALA A 29 -6.24 2.41 0.95
N LYS A 30 -6.74 2.21 -0.26
CA LYS A 30 -7.22 0.92 -0.73
C LYS A 30 -6.20 -0.20 -0.57
N GLN A 31 -4.93 0.01 -0.94
CA GLN A 31 -3.91 -1.02 -0.80
C GLN A 31 -3.44 -1.18 0.64
N ALA A 32 -3.50 -0.11 1.44
CA ALA A 32 -3.22 -0.19 2.86
C ALA A 32 -4.26 -1.02 3.60
N ALA A 33 -5.54 -0.78 3.29
CA ALA A 33 -6.64 -1.58 3.81
C ALA A 33 -6.49 -3.04 3.42
N SER A 34 -6.14 -3.29 2.15
CA SER A 34 -5.81 -4.64 1.70
C SER A 34 -4.71 -5.28 2.55
N PHE A 35 -3.63 -4.56 2.79
CA PHE A 35 -2.51 -5.06 3.58
C PHE A 35 -2.89 -5.46 4.99
N TYR A 36 -3.53 -4.54 5.72
CA TYR A 36 -3.91 -4.79 7.11
C TYR A 36 -4.94 -5.90 7.25
N CYS A 37 -5.88 -5.99 6.32
CA CYS A 37 -6.85 -7.06 6.31
C CYS A 37 -6.19 -8.42 6.05
N ASN A 38 -5.50 -8.57 4.93
CA ASN A 38 -4.90 -9.84 4.57
C ASN A 38 -3.82 -10.30 5.54
N LYS A 39 -2.91 -9.39 5.85
CA LYS A 39 -1.72 -9.77 6.63
C LYS A 39 -1.91 -9.66 8.13
N MET A 40 -2.71 -8.70 8.61
CA MET A 40 -2.85 -8.51 10.05
C MET A 40 -4.21 -8.95 10.58
N GLY A 41 -5.10 -9.41 9.71
CA GLY A 41 -6.31 -10.09 10.13
C GLY A 41 -7.50 -9.18 10.38
N PHE A 42 -7.45 -7.94 9.94
CA PHE A 42 -8.56 -7.00 10.09
C PHE A 42 -9.63 -7.27 9.03
N GLU A 43 -10.82 -6.70 9.21
CA GLU A 43 -11.88 -6.84 8.22
C GLU A 43 -12.46 -5.47 7.84
N PRO A 44 -12.88 -5.36 6.59
CA PRO A 44 -13.52 -4.15 6.08
C PRO A 44 -14.80 -3.82 6.84
N LEU A 45 -14.90 -2.60 7.34
CA LEU A 45 -16.04 -2.21 8.15
C LEU A 45 -16.88 -1.12 7.47
N ALA A 46 -16.22 -0.08 6.96
CA ALA A 46 -16.94 1.05 6.40
C ALA A 46 -16.08 1.83 5.41
N TYR A 47 -16.74 2.73 4.69
CA TYR A 47 -16.07 3.47 3.63
C TYR A 47 -16.66 4.87 3.44
N LYS A 48 -15.75 5.77 3.07
CA LYS A 48 -16.13 7.12 2.69
C LYS A 48 -15.23 7.57 1.55
N GLY A 49 -15.83 8.02 0.46
CA GLY A 49 -15.05 8.41 -0.72
C GLY A 49 -15.99 8.96 -1.78
N LEU A 50 -15.52 8.96 -3.03
CA LEU A 50 -16.23 9.58 -4.13
C LEU A 50 -17.68 9.13 -4.22
N GLU A 51 -17.93 7.84 -4.09
CA GLU A 51 -19.25 7.25 -4.15
C GLU A 51 -20.22 7.71 -3.06
N THR A 52 -19.73 8.13 -1.90
CA THR A 52 -20.61 8.56 -0.81
C THR A 52 -20.69 10.08 -0.69
N GLY A 53 -20.02 10.80 -1.60
CA GLY A 53 -20.09 12.24 -1.66
C GLY A 53 -18.91 12.93 -0.98
N SER A 54 -17.92 12.15 -0.55
CA SER A 54 -16.71 12.73 0.02
C SER A 54 -15.68 12.96 -1.09
N ARG A 55 -15.40 14.22 -1.40
CA ARG A 55 -14.72 14.51 -2.67
C ARG A 55 -13.25 14.82 -2.53
N GLU A 56 -12.81 15.19 -1.34
CA GLU A 56 -11.40 15.47 -1.09
C GLU A 56 -10.68 14.25 -0.50
N VAL A 57 -11.34 13.52 0.38
CA VAL A 57 -10.69 12.51 1.20
C VAL A 57 -11.37 11.14 1.08
N VAL A 58 -10.59 10.09 0.87
CA VAL A 58 -11.12 8.73 0.88
C VAL A 58 -10.72 8.01 2.16
N SER A 59 -11.65 7.25 2.74
CA SER A 59 -11.40 6.56 3.99
C SER A 59 -11.86 5.11 3.94
N HIS A 60 -10.94 4.18 4.16
CA HIS A 60 -11.30 2.78 4.35
C HIS A 60 -11.24 2.43 5.83
N VAL A 61 -12.37 2.01 6.38
CA VAL A 61 -12.45 1.66 7.79
C VAL A 61 -12.45 0.14 7.97
N ILE A 62 -11.51 -0.35 8.77
CA ILE A 62 -11.37 -1.78 9.02
C ILE A 62 -11.34 -2.06 10.53
N LYS A 63 -11.64 -3.31 10.88
CA LYS A 63 -11.87 -3.66 12.29
C LYS A 63 -11.48 -5.09 12.62
N GLN A 64 -10.98 -5.29 13.82
CA GLN A 64 -10.72 -6.61 14.38
C GLN A 64 -10.97 -6.54 15.89
N GLY A 65 -11.80 -7.40 16.44
CA GLY A 65 -12.18 -7.24 17.85
C GLY A 65 -12.68 -5.82 18.08
N LYS A 66 -12.08 -5.09 19.01
CA LYS A 66 -12.46 -3.70 19.23
C LYS A 66 -11.51 -2.72 18.54
N ILE A 67 -10.53 -3.24 17.83
CA ILE A 67 -9.55 -2.41 17.14
C ILE A 67 -10.10 -1.87 15.83
N VAL A 68 -10.10 -0.56 15.67
CA VAL A 68 -10.62 0.07 14.45
C VAL A 68 -9.51 0.90 13.79
N PHE A 69 -9.09 0.53 12.59
CA PHE A 69 -8.13 1.35 11.85
C PHE A 69 -8.81 2.07 10.69
N VAL A 70 -8.52 3.36 10.54
CA VAL A 70 -9.04 4.14 9.44
C VAL A 70 -7.90 4.56 8.50
N LEU A 71 -8.00 4.17 7.23
CA LEU A 71 -6.94 4.44 6.27
C LEU A 71 -7.37 5.49 5.26
N CYS A 72 -6.63 6.59 5.22
CA CYS A 72 -7.03 7.77 4.47
C CYS A 72 -6.00 8.21 3.44
N SER A 73 -6.49 8.67 2.30
CA SER A 73 -5.69 9.28 1.25
C SER A 73 -6.40 10.51 0.69
N ALA A 74 -5.64 11.47 0.19
CA ALA A 74 -6.24 12.58 -0.57
C ALA A 74 -6.79 12.03 -1.89
N LEU A 75 -7.88 12.60 -2.39
CA LEU A 75 -8.42 12.16 -3.67
C LEU A 75 -7.87 12.98 -4.82
N ASN A 76 -7.47 14.22 -4.56
CA ASN A 76 -7.04 15.12 -5.62
C ASN A 76 -5.54 15.42 -5.57
N PRO A 77 -4.97 15.70 -6.74
CA PRO A 77 -3.63 16.25 -6.84
C PRO A 77 -3.48 17.47 -5.95
N TRP A 78 -2.28 17.72 -5.45
CA TRP A 78 -1.86 18.86 -4.67
C TRP A 78 -2.68 19.14 -3.42
N ASN A 79 -3.13 18.09 -2.73
CA ASN A 79 -3.66 18.27 -1.38
C ASN A 79 -2.53 18.80 -0.49
N LYS A 80 -2.68 20.01 0.04
CA LYS A 80 -1.62 20.62 0.84
C LYS A 80 -1.35 19.83 2.12
N GLU A 81 -2.34 19.76 3.00
CA GLU A 81 -2.11 19.18 4.32
C GLU A 81 -1.76 17.70 4.24
N MET A 82 -2.54 16.92 3.51
CA MET A 82 -2.26 15.49 3.41
C MET A 82 -1.03 15.21 2.57
N GLY A 83 -0.83 15.97 1.50
CA GLY A 83 0.36 15.86 0.67
C GLY A 83 1.65 16.10 1.46
N ASP A 84 1.72 17.21 2.17
CA ASP A 84 2.87 17.52 3.01
C ASP A 84 3.13 16.45 4.06
N HIS A 85 2.07 16.05 4.77
CA HIS A 85 2.16 14.99 5.77
C HIS A 85 2.76 13.72 5.17
N LEU A 86 2.28 13.31 4.00
CA LEU A 86 2.76 12.12 3.31
C LEU A 86 4.21 12.21 2.85
N VAL A 87 4.62 13.35 2.30
CA VAL A 87 6.01 13.57 1.91
C VAL A 87 6.92 13.61 3.12
N LYS A 88 6.47 14.22 4.21
CA LYS A 88 7.24 14.35 5.43
C LYS A 88 7.41 13.03 6.17
N HIS A 89 6.32 12.29 6.37
CA HIS A 89 6.30 11.13 7.23
C HIS A 89 6.35 9.79 6.52
N GLY A 90 5.85 9.77 5.29
CA GLY A 90 5.48 8.51 4.66
C GLY A 90 4.14 8.05 5.25
N ASP A 91 3.76 6.81 4.96
CA ASP A 91 2.57 6.22 5.57
C ASP A 91 2.72 6.19 7.10
N GLY A 92 1.75 6.71 7.83
CA GLY A 92 1.84 6.68 9.28
C GLY A 92 0.57 7.18 9.96
N VAL A 93 0.63 7.18 11.29
CA VAL A 93 -0.50 7.59 12.11
C VAL A 93 -0.66 9.11 12.12
N LYS A 94 -1.90 9.52 11.87
CA LYS A 94 -2.28 10.93 11.92
C LYS A 94 -3.05 11.22 13.22
N ASP A 95 -4.05 10.39 13.52
CA ASP A 95 -4.94 10.68 14.63
C ASP A 95 -5.21 9.44 15.48
N ILE A 96 -5.33 9.67 16.79
CA ILE A 96 -5.69 8.65 17.75
C ILE A 96 -7.01 9.02 18.43
N ALA A 97 -8.10 8.38 18.04
CA ALA A 97 -9.42 8.73 18.56
C ALA A 97 -9.62 8.20 19.96
N PHE A 98 -10.19 9.01 20.84
CA PHE A 98 -10.66 8.54 22.14
C PHE A 98 -12.18 8.57 22.18
N GLU A 99 -12.84 7.47 22.50
CA GLU A 99 -14.27 7.59 22.81
C GLU A 99 -14.42 8.15 24.23
N VAL A 100 -15.21 9.20 24.38
CA VAL A 100 -15.30 9.91 25.65
C VAL A 100 -16.73 10.05 26.17
N GLU A 101 -16.85 10.41 27.44
CA GLU A 101 -18.10 10.94 27.98
C GLU A 101 -17.92 12.43 28.28
N ASP A 102 -18.89 13.25 27.93
CA ASP A 102 -18.84 14.67 28.20
C ASP A 102 -17.73 15.36 27.41
N CYS A 103 -17.83 15.31 26.08
CA CYS A 103 -16.86 15.94 25.19
C CYS A 103 -16.65 17.41 25.52
N GLU A 104 -17.73 18.18 25.59
CA GLU A 104 -17.68 19.61 25.81
C GLU A 104 -16.91 20.03 27.05
N HIS A 105 -17.11 19.36 28.20
CA HIS A 105 -16.33 19.74 29.36
C HIS A 105 -14.86 19.33 29.22
N ILE A 106 -14.54 18.15 28.70
CA ILE A 106 -13.14 17.80 28.45
C ILE A 106 -12.44 18.88 27.63
N VAL A 107 -13.07 19.26 26.53
CA VAL A 107 -12.61 20.34 25.68
C VAL A 107 -12.54 21.67 26.43
N GLN A 108 -13.59 22.05 27.16
CA GLN A 108 -13.51 23.23 28.01
C GLN A 108 -12.24 23.21 28.85
N LYS A 109 -12.09 22.19 29.68
CA LYS A 109 -10.94 22.02 30.55
C LYS A 109 -9.59 22.15 29.85
N ALA A 110 -9.43 21.50 28.72
CA ALA A 110 -8.21 21.59 27.92
C ALA A 110 -8.03 22.99 27.34
N ARG A 111 -9.11 23.58 26.83
CA ARG A 111 -9.07 24.96 26.37
C ARG A 111 -8.52 25.86 27.47
N GLU A 112 -9.07 25.83 28.68
CA GLU A 112 -8.59 26.67 29.76
C GLU A 112 -7.19 26.33 30.29
N ARG A 113 -6.74 25.09 30.21
CA ARG A 113 -5.39 24.81 30.73
C ARG A 113 -4.35 24.99 29.61
N GLY A 114 -4.78 25.37 28.41
CA GLY A 114 -3.88 25.96 27.42
C GLY A 114 -3.76 25.13 26.15
N ALA A 115 -4.48 24.03 26.06
CA ALA A 115 -4.36 23.15 24.90
C ALA A 115 -4.80 23.86 23.62
N LYS A 116 -4.22 23.43 22.49
CA LYS A 116 -4.68 23.95 21.21
C LYS A 116 -5.80 23.08 20.63
N ILE A 117 -6.95 23.72 20.44
CA ILE A 117 -8.12 23.07 19.86
C ILE A 117 -8.05 23.17 18.34
N VAL A 118 -7.73 22.08 17.66
CA VAL A 118 -7.65 22.09 16.20
C VAL A 118 -9.05 22.28 15.60
N ARG A 119 -10.02 21.56 16.16
CA ARG A 119 -11.39 21.69 15.69
C ARG A 119 -12.38 21.69 16.86
N GLU A 120 -12.99 22.86 17.03
CA GLU A 120 -14.04 23.09 18.03
C GLU A 120 -15.12 22.02 17.95
N PRO A 121 -15.70 21.69 19.11
CA PRO A 121 -16.79 20.75 19.18
C PRO A 121 -17.80 20.93 18.06
N TRP A 122 -18.20 19.81 17.47
CA TRP A 122 -19.24 19.81 16.46
C TRP A 122 -19.93 18.45 16.46
N VAL A 123 -21.13 18.43 15.90
CA VAL A 123 -21.99 17.26 15.90
C VAL A 123 -22.24 16.77 14.47
N GLU A 124 -22.10 15.47 14.26
CA GLU A 124 -22.58 14.89 13.01
C GLU A 124 -23.80 14.01 13.25
N GLU A 125 -24.67 14.04 12.25
CA GLU A 125 -25.90 13.25 12.31
C GLU A 125 -26.18 12.53 10.99
N ASP A 126 -26.47 11.28 11.22
CA ASP A 126 -26.84 10.29 10.23
C ASP A 126 -28.26 9.90 10.57
N LYS A 127 -28.85 9.06 9.77
CA LYS A 127 -30.19 8.63 10.14
C LYS A 127 -30.14 7.63 11.31
N PHE A 128 -28.94 7.22 11.66
CA PHE A 128 -28.72 6.21 12.71
C PHE A 128 -28.37 6.83 14.06
N GLY A 129 -28.36 8.16 14.12
CA GLY A 129 -28.05 8.85 15.36
C GLY A 129 -27.12 10.05 15.14
N LYS A 130 -26.56 10.47 16.28
CA LYS A 130 -25.72 11.66 16.37
C LYS A 130 -24.41 11.36 17.10
N VAL A 131 -23.33 11.98 16.64
CA VAL A 131 -22.04 11.87 17.30
C VAL A 131 -21.42 13.27 17.44
N LYS A 132 -20.88 13.58 18.63
CA LYS A 132 -20.13 14.82 18.80
C LYS A 132 -18.64 14.54 18.78
N PHE A 133 -17.92 15.41 18.07
CA PHE A 133 -16.49 15.29 17.88
C PHE A 133 -15.75 16.55 18.35
N ALA A 134 -14.48 16.40 18.66
CA ALA A 134 -13.59 17.55 18.84
C ALA A 134 -12.17 17.14 18.46
N VAL A 135 -11.34 18.06 18.00
CA VAL A 135 -9.97 17.71 17.64
C VAL A 135 -8.96 18.51 18.46
N LEU A 136 -8.05 17.81 19.11
CA LEU A 136 -6.94 18.44 19.83
C LEU A 136 -5.62 18.11 19.15
N GLN A 137 -4.63 18.98 19.32
CA GLN A 137 -3.30 18.78 18.76
C GLN A 137 -2.36 18.19 19.81
N THR A 138 -1.83 16.99 19.60
CA THR A 138 -0.78 16.51 20.51
C THR A 138 0.57 16.57 19.80
N TYR A 139 1.50 15.68 20.11
CA TYR A 139 2.87 15.78 19.63
C TYR A 139 3.00 15.75 18.11
N GLY A 140 4.05 16.38 17.59
CA GLY A 140 4.32 16.38 16.16
C GLY A 140 3.11 16.84 15.36
N ASP A 141 2.70 16.03 14.38
CA ASP A 141 1.50 16.30 13.62
C ASP A 141 0.32 15.46 14.11
N THR A 142 0.49 14.71 15.18
CA THR A 142 -0.54 13.81 15.69
C THR A 142 -1.64 14.59 16.41
N THR A 143 -2.89 14.23 16.15
CA THR A 143 -4.03 14.85 16.83
C THR A 143 -4.79 13.81 17.65
N HIS A 144 -5.62 14.26 18.58
CA HIS A 144 -6.60 13.38 19.19
C HIS A 144 -8.01 13.81 18.78
N THR A 145 -8.78 12.90 18.23
CA THR A 145 -10.19 13.21 17.96
C THR A 145 -11.05 12.64 19.08
N LEU A 146 -11.75 13.53 19.78
CA LEU A 146 -12.71 13.08 20.80
C LEU A 146 -14.00 12.65 20.09
N VAL A 147 -14.49 11.49 20.48
CA VAL A 147 -15.72 10.93 19.92
C VAL A 147 -16.72 10.70 21.05
N GLU A 148 -17.86 11.40 21.03
CA GLU A 148 -18.91 11.10 21.98
C GLU A 148 -20.20 10.72 21.25
N LYS A 149 -20.58 9.46 21.40
CA LYS A 149 -21.71 8.91 20.65
C LYS A 149 -23.03 9.04 21.42
N ILE A 150 -24.03 9.57 20.73
CA ILE A 150 -25.37 9.69 21.30
C ILE A 150 -26.29 8.64 20.68
N ASN A 151 -26.28 7.46 21.29
CA ASN A 151 -27.01 6.30 20.79
C ASN A 151 -26.81 6.15 19.29
N TYR A 152 -25.56 6.02 18.86
CA TYR A 152 -25.28 5.89 17.44
C TYR A 152 -25.33 4.41 17.04
N THR A 153 -26.30 4.06 16.18
CA THR A 153 -26.60 2.67 15.88
C THR A 153 -26.09 2.18 14.54
N GLY A 154 -25.31 2.95 13.81
CA GLY A 154 -24.77 2.55 12.51
C GLY A 154 -23.55 1.65 12.71
N ARG A 155 -22.91 1.30 11.60
CA ARG A 155 -21.75 0.40 11.62
C ARG A 155 -20.50 1.08 12.20
N PHE A 156 -20.35 2.39 11.95
CA PHE A 156 -19.13 3.09 12.43
C PHE A 156 -19.38 4.50 12.98
N LEU A 157 -19.58 5.42 12.04
CA LEU A 157 -19.82 6.84 12.35
C LEU A 157 -20.63 7.48 11.22
N PRO A 158 -21.37 8.56 11.49
CA PRO A 158 -22.21 9.19 10.48
C PRO A 158 -21.41 9.58 9.24
N GLY A 159 -21.92 9.23 8.07
CA GLY A 159 -21.27 9.60 6.82
C GLY A 159 -20.46 8.48 6.20
N PHE A 160 -20.11 7.49 7.01
CA PHE A 160 -19.39 6.31 6.57
C PHE A 160 -20.37 5.20 6.18
N GLU A 161 -20.25 4.67 4.97
CA GLU A 161 -21.21 3.67 4.52
C GLU A 161 -20.58 2.30 4.40
N ALA A 162 -21.39 1.32 4.00
CA ALA A 162 -20.92 0.00 3.68
C ALA A 162 -19.58 0.00 2.96
N PRO A 163 -18.72 -0.95 3.24
CA PRO A 163 -17.52 -1.11 2.43
C PRO A 163 -17.96 -1.25 0.98
N THR A 164 -17.43 -0.40 0.11
CA THR A 164 -17.76 -0.36 -1.31
C THR A 164 -17.49 -1.61 -2.10
N TYR A 165 -16.97 -2.72 -1.57
CA TYR A 165 -16.43 -3.77 -2.42
C TYR A 165 -16.37 -5.11 -1.72
N LYS A 166 -15.38 -5.91 -2.13
CA LYS A 166 -15.03 -7.09 -1.35
C LYS A 166 -13.65 -7.70 -1.61
N ASP A 167 -13.17 -8.41 -0.59
CA ASP A 167 -12.00 -9.26 -0.69
C ASP A 167 -12.38 -10.69 -0.28
N THR A 168 -12.49 -11.50 -1.32
CA THR A 168 -13.00 -12.86 -1.28
C THR A 168 -12.04 -13.87 -0.66
N LEU A 169 -10.78 -13.48 -0.53
CA LEU A 169 -9.76 -14.29 0.12
C LEU A 169 -9.88 -14.26 1.64
N LEU A 170 -10.44 -13.20 2.21
CA LEU A 170 -10.39 -12.97 3.64
C LEU A 170 -10.99 -14.09 4.48
N PRO A 171 -12.11 -14.68 4.05
CA PRO A 171 -12.71 -15.78 4.79
C PRO A 171 -11.97 -17.11 4.72
N LYS A 172 -11.04 -17.29 3.80
CA LYS A 172 -10.22 -18.49 3.73
C LYS A 172 -8.96 -18.40 4.58
N LEU A 173 -8.70 -17.24 5.15
CA LEU A 173 -7.56 -17.03 6.04
C LEU A 173 -7.99 -17.13 7.49
N PRO A 174 -7.08 -17.57 8.36
CA PRO A 174 -7.40 -17.90 9.74
C PRO A 174 -7.48 -16.68 10.66
N SER A 175 -8.39 -16.75 11.63
CA SER A 175 -8.63 -15.66 12.55
C SER A 175 -7.41 -15.35 13.41
N CYS A 176 -7.07 -14.06 13.54
CA CYS A 176 -5.92 -13.65 14.33
C CYS A 176 -6.31 -13.29 15.75
N ASN A 177 -7.60 -13.05 15.98
CA ASN A 177 -8.16 -12.89 17.32
C ASN A 177 -7.50 -11.77 18.11
N LEU A 178 -7.17 -10.65 17.48
CA LEU A 178 -6.66 -9.48 18.20
C LEU A 178 -7.87 -8.74 18.79
N GLU A 179 -7.77 -8.25 20.02
CA GLU A 179 -8.97 -7.83 20.73
C GLU A 179 -9.13 -6.31 20.84
N ILE A 180 -8.08 -5.63 21.27
CA ILE A 180 -8.20 -4.23 21.67
C ILE A 180 -6.81 -3.60 21.70
N ILE A 181 -6.73 -2.30 21.48
CA ILE A 181 -5.45 -1.60 21.58
C ILE A 181 -4.98 -1.58 23.03
N ASP A 182 -3.75 -2.01 23.29
CA ASP A 182 -3.20 -2.02 24.63
C ASP A 182 -2.48 -0.71 24.95
N HIS A 183 -1.68 -0.25 23.98
CA HIS A 183 -0.95 1.02 24.14
C HIS A 183 -0.46 1.55 22.81
N ILE A 184 -0.32 2.87 22.67
CA ILE A 184 0.30 3.50 21.51
C ILE A 184 1.51 4.33 21.96
N VAL A 185 2.68 4.11 21.37
CA VAL A 185 3.87 4.84 21.79
C VAL A 185 4.20 6.00 20.86
N GLY A 186 4.50 7.15 21.44
CA GLY A 186 4.96 8.29 20.66
C GLY A 186 6.44 8.57 20.90
N ASN A 187 7.23 8.48 19.84
CA ASN A 187 8.63 8.89 19.89
C ASN A 187 8.75 10.40 19.71
N GLN A 188 9.58 11.02 20.54
CA GLN A 188 9.80 12.46 20.51
C GLN A 188 11.29 12.75 20.22
N PRO A 189 11.54 13.90 19.63
CA PRO A 189 12.90 14.40 19.47
C PRO A 189 13.58 14.58 20.82
N ASP A 190 14.90 14.74 20.78
CA ASP A 190 15.72 14.93 21.96
C ASP A 190 15.14 15.98 22.89
N GLN A 191 15.13 15.71 24.19
CA GLN A 191 14.64 16.63 25.20
C GLN A 191 13.15 16.90 25.16
N GLU A 192 12.31 16.08 24.50
CA GLU A 192 10.91 16.44 24.32
C GLU A 192 9.94 15.51 25.03
N MET A 193 10.42 14.48 25.70
CA MET A 193 9.54 13.56 26.43
C MET A 193 8.70 14.30 27.48
N GLU A 194 9.39 15.06 28.33
CA GLU A 194 8.75 15.84 29.38
C GLU A 194 7.63 16.71 28.85
N SER A 195 7.88 17.54 27.85
CA SER A 195 6.84 18.35 27.23
C SER A 195 5.65 17.53 26.73
N ALA A 196 5.96 16.54 25.91
CA ALA A 196 4.93 15.71 25.28
C ALA A 196 4.08 15.00 26.32
N SER A 197 4.72 14.38 27.31
CA SER A 197 3.96 13.77 28.40
C SER A 197 3.24 14.82 29.22
N GLU A 198 3.85 15.95 29.54
CA GLU A 198 3.19 17.02 30.28
C GLU A 198 1.88 17.49 29.68
N TRP A 199 1.79 17.63 28.36
CA TRP A 199 0.58 17.96 27.65
C TRP A 199 -0.63 17.14 28.13
N TYR A 200 -0.43 15.85 28.28
CA TYR A 200 -1.43 14.92 28.79
C TYR A 200 -1.78 15.14 30.26
N LEU A 201 -0.81 15.41 31.13
CA LEU A 201 -1.15 15.62 32.54
C LEU A 201 -1.97 16.88 32.71
N LYS A 202 -1.59 17.97 32.07
CA LYS A 202 -2.21 19.27 32.24
C LYS A 202 -3.47 19.48 31.41
N ASN A 203 -3.46 19.11 30.13
CA ASN A 203 -4.61 19.41 29.28
C ASN A 203 -5.70 18.36 29.40
N LEU A 204 -5.36 17.09 29.61
CA LEU A 204 -6.40 16.07 29.67
C LEU A 204 -6.57 15.45 31.05
N GLN A 205 -5.74 15.83 32.02
CA GLN A 205 -5.84 15.30 33.37
C GLN A 205 -5.59 13.79 33.39
N PHE A 206 -4.56 13.38 32.66
CA PHE A 206 -4.00 12.03 32.77
C PHE A 206 -3.06 12.02 33.97
N HIS A 207 -2.56 10.87 34.38
CA HIS A 207 -1.51 10.83 35.41
C HIS A 207 -0.34 10.00 34.88
N ARG A 208 0.81 10.07 35.55
CA ARG A 208 1.90 9.18 35.17
C ARG A 208 1.55 7.74 35.56
N PHE A 209 1.71 6.81 34.62
CA PHE A 209 1.48 5.40 34.90
C PHE A 209 2.79 4.70 35.26
N TRP A 210 2.83 4.05 36.41
CA TRP A 210 3.99 3.26 36.77
C TRP A 210 3.74 1.75 36.68
N SER A 211 4.85 1.06 36.45
CA SER A 211 4.88 -0.39 36.38
C SER A 211 6.25 -0.87 36.81
N VAL A 212 6.41 -2.18 36.90
CA VAL A 212 7.69 -2.88 36.78
C VAL A 212 7.75 -3.99 37.84
N LEU A 224 17.33 5.09 25.48
CA LEU A 224 15.89 5.38 25.48
C LEU A 224 15.42 5.83 26.85
N ARG A 225 14.66 6.92 26.89
CA ARG A 225 13.92 7.31 28.08
C ARG A 225 12.42 7.34 27.76
N SER A 226 11.59 7.04 28.74
CA SER A 226 10.15 7.02 28.49
C SER A 226 9.28 7.26 29.71
N ILE A 227 8.17 7.93 29.47
CA ILE A 227 7.12 8.16 30.46
C ILE A 227 5.82 7.52 29.97
N VAL A 228 5.15 6.71 30.80
CA VAL A 228 3.81 6.27 30.44
C VAL A 228 2.76 7.16 31.11
N VAL A 229 1.82 7.59 30.29
CA VAL A 229 0.76 8.52 30.68
C VAL A 229 -0.57 7.82 30.52
N ALA A 230 -1.57 8.04 31.36
CA ALA A 230 -2.79 7.22 31.28
C ALA A 230 -4.01 7.90 31.87
N ASN A 231 -5.17 7.71 31.27
CA ASN A 231 -6.40 8.31 31.79
C ASN A 231 -6.68 7.81 33.20
N TYR A 232 -7.59 8.45 33.92
CA TYR A 232 -7.81 8.16 35.33
C TYR A 232 -7.97 6.67 35.61
N GLU A 233 -8.89 6.07 34.87
CA GLU A 233 -9.36 4.73 34.87
C GLU A 233 -8.35 3.72 34.32
N GLU A 234 -7.34 4.24 33.64
CA GLU A 234 -6.21 3.51 33.12
C GLU A 234 -6.59 2.52 32.04
N SER A 235 -7.57 2.89 31.21
CA SER A 235 -7.94 2.13 30.03
C SER A 235 -7.16 2.63 28.82
N ILE A 236 -6.64 3.84 28.92
CA ILE A 236 -5.81 4.45 27.89
C ILE A 236 -4.37 4.59 28.37
N LYS A 237 -3.43 4.01 27.65
CA LYS A 237 -2.02 4.15 27.98
C LYS A 237 -1.20 4.67 26.80
N MET A 238 -0.55 5.81 27.01
CA MET A 238 0.29 6.39 25.95
C MET A 238 1.71 6.61 26.45
N PRO A 239 2.60 5.69 26.11
CA PRO A 239 4.02 5.86 26.36
C PRO A 239 4.62 6.94 25.48
N ILE A 240 5.52 7.72 26.08
CA ILE A 240 6.23 8.80 25.41
C ILE A 240 7.73 8.54 25.46
N ASN A 241 8.37 8.44 24.31
CA ASN A 241 9.80 8.17 24.28
C ASN A 241 10.63 9.37 23.83
N GLU A 242 11.91 9.26 24.13
CA GLU A 242 12.92 10.29 23.93
C GLU A 242 14.24 9.56 23.77
N PRO A 243 15.16 10.06 22.95
CA PRO A 243 16.43 9.38 22.75
C PRO A 243 17.33 9.48 23.97
N ALA A 244 18.39 8.68 24.00
CA ALA A 244 19.18 8.43 25.18
C ALA A 244 20.06 9.60 25.61
N SER A 250 20.97 5.55 18.60
CA SER A 250 19.71 5.41 19.31
C SER A 250 18.53 5.27 18.35
N GLN A 251 17.72 4.26 18.62
CA GLN A 251 16.54 3.91 17.86
C GLN A 251 15.47 4.99 17.78
N ILE A 252 15.25 5.69 18.89
CA ILE A 252 14.29 6.78 18.94
C ILE A 252 14.70 7.91 18.02
N GLN A 253 15.99 8.22 17.94
CA GLN A 253 16.51 9.23 17.03
C GLN A 253 16.42 8.78 15.57
N GLU A 254 16.74 7.53 15.28
CA GLU A 254 16.53 6.97 13.95
C GLU A 254 15.09 7.19 13.49
N TYR A 255 14.15 6.76 14.33
CA TYR A 255 12.74 7.05 14.10
C TYR A 255 12.53 8.51 13.75
N VAL A 256 12.94 9.42 14.64
CA VAL A 256 12.75 10.85 14.41
C VAL A 256 13.39 11.29 13.10
N ASP A 257 14.61 10.86 12.79
CA ASP A 257 15.23 11.12 11.51
C ASP A 257 14.34 10.77 10.32
N TYR A 258 13.85 9.54 10.29
CA TYR A 258 13.03 9.08 9.18
C TYR A 258 11.58 9.53 9.25
N ASN A 259 11.07 9.91 10.42
CA ASN A 259 9.68 10.35 10.50
C ASN A 259 9.55 11.84 10.18
N GLY A 260 10.64 12.58 10.38
CA GLY A 260 10.64 14.02 10.16
C GLY A 260 10.27 14.79 11.42
N GLY A 261 10.15 14.09 12.54
CA GLY A 261 9.72 14.69 13.80
C GLY A 261 9.06 13.67 14.70
N ALA A 262 8.38 14.12 15.75
CA ALA A 262 7.71 13.22 16.69
C ALA A 262 6.55 12.50 16.04
N GLY A 263 6.22 11.30 16.53
CA GLY A 263 5.05 10.58 16.06
C GLY A 263 4.90 9.21 16.71
N VAL A 264 3.93 8.44 16.21
CA VAL A 264 3.67 7.10 16.70
C VAL A 264 4.69 6.07 16.20
N GLN A 265 5.41 5.49 17.16
CA GLN A 265 6.38 4.45 16.87
C GLN A 265 5.72 3.09 16.75
N HIS A 266 4.87 2.72 17.71
CA HIS A 266 4.18 1.44 17.61
C HIS A 266 2.82 1.41 18.30
N ILE A 267 1.98 0.53 17.76
CA ILE A 267 0.67 0.23 18.29
C ILE A 267 0.65 -1.22 18.80
N ALA A 268 0.34 -1.41 20.08
CA ALA A 268 0.32 -2.77 20.63
C ALA A 268 -1.12 -3.28 20.73
N LEU A 269 -1.30 -4.49 20.22
CA LEU A 269 -2.63 -5.09 20.16
C LEU A 269 -2.69 -6.30 21.09
N ARG A 270 -3.71 -6.29 21.95
CA ARG A 270 -3.84 -7.33 22.96
C ARG A 270 -4.58 -8.54 22.39
N THR A 271 -4.08 -9.73 22.74
CA THR A 271 -4.77 -10.96 22.41
C THR A 271 -4.97 -11.80 23.67
N GLU A 272 -6.03 -12.61 23.67
CA GLU A 272 -6.21 -13.55 24.78
C GLU A 272 -5.49 -14.87 24.53
N ASP A 273 -4.91 -15.08 23.34
CA ASP A 273 -4.18 -16.33 23.08
C ASP A 273 -3.10 -16.08 22.04
N ILE A 274 -1.89 -15.76 22.50
CA ILE A 274 -0.84 -15.30 21.60
C ILE A 274 -0.26 -16.42 20.75
N ILE A 275 -0.30 -17.66 21.23
CA ILE A 275 0.10 -18.80 20.40
C ILE A 275 -0.77 -18.91 19.15
N THR A 276 -2.09 -18.90 19.29
CA THR A 276 -2.97 -19.01 18.13
C THR A 276 -2.91 -17.77 17.25
N THR A 277 -2.85 -16.59 17.87
CA THR A 277 -2.71 -15.34 17.15
C THR A 277 -1.47 -15.33 16.27
N ILE A 278 -0.31 -15.66 16.84
CA ILE A 278 0.94 -15.61 16.09
C ILE A 278 1.07 -16.74 15.11
N ARG A 279 0.54 -17.93 15.40
CA ARG A 279 0.46 -18.98 14.38
C ARG A 279 -0.37 -18.51 13.19
N HIS A 280 -1.53 -17.90 13.44
CA HIS A 280 -2.39 -17.44 12.36
C HIS A 280 -1.84 -16.23 11.62
N LEU A 281 -1.13 -15.32 12.28
CA LEU A 281 -0.51 -14.20 11.60
C LEU A 281 0.63 -14.65 10.69
N ARG A 282 1.45 -15.58 11.17
CA ARG A 282 2.54 -16.13 10.37
C ARG A 282 2.02 -16.92 9.17
N GLU A 283 0.91 -17.63 9.31
CA GLU A 283 0.25 -18.30 8.20
C GLU A 283 -0.26 -17.37 7.12
N ARG A 284 -0.65 -16.16 7.49
CA ARG A 284 -1.02 -15.10 6.55
C ARG A 284 0.19 -14.46 5.88
N GLY A 285 1.37 -14.61 6.47
CA GLY A 285 2.59 -14.14 5.84
C GLY A 285 3.23 -12.96 6.56
N MET A 286 2.66 -12.50 7.67
CA MET A 286 3.31 -11.45 8.45
C MET A 286 4.70 -11.89 8.90
N GLU A 287 5.65 -10.97 8.97
CA GLU A 287 6.95 -11.31 9.55
C GLU A 287 7.23 -10.51 10.82
N PHE A 288 7.92 -11.18 11.75
CA PHE A 288 8.22 -10.62 13.07
C PHE A 288 9.73 -10.54 13.25
N LEU A 289 10.18 -10.04 14.40
CA LEU A 289 11.62 -9.85 14.58
C LEU A 289 12.30 -11.16 14.91
N ALA A 290 13.60 -11.21 14.63
CA ALA A 290 14.41 -12.39 14.89
C ALA A 290 14.72 -12.48 16.38
N VAL A 291 14.70 -13.69 16.93
CA VAL A 291 15.03 -13.90 18.34
C VAL A 291 16.05 -15.03 18.49
N PRO A 292 17.22 -14.69 19.00
CA PRO A 292 18.27 -15.67 19.23
C PRO A 292 17.79 -16.85 20.05
N SER A 293 18.25 -18.04 19.70
CA SER A 293 17.84 -19.27 20.37
C SER A 293 18.42 -19.39 21.78
N SER A 294 19.49 -18.67 22.07
CA SER A 294 20.06 -18.49 23.39
C SER A 294 19.16 -17.71 24.35
N TYR A 295 18.32 -16.83 23.82
CA TYR A 295 17.25 -16.18 24.58
C TYR A 295 16.38 -17.22 25.29
N TYR A 296 15.98 -18.25 24.57
CA TYR A 296 15.21 -19.34 25.16
C TYR A 296 16.04 -20.24 26.06
N ARG A 297 17.34 -20.44 25.78
CA ARG A 297 18.19 -21.09 26.78
C ARG A 297 18.08 -20.35 28.12
N LEU A 298 18.32 -19.05 28.07
CA LEU A 298 18.42 -18.26 29.30
C LEU A 298 17.08 -18.00 29.96
N LEU A 299 15.99 -17.85 29.20
CA LEU A 299 14.66 -17.78 29.78
C LEU A 299 14.30 -19.08 30.50
N ARG A 300 14.60 -20.22 29.89
CA ARG A 300 14.35 -21.51 30.52
C ARG A 300 15.13 -21.64 31.82
N GLU A 301 16.43 -21.36 31.81
CA GLU A 301 17.26 -21.35 33.01
C GLU A 301 16.66 -20.48 34.10
N ASN A 302 16.35 -19.22 33.80
CA ASN A 302 15.79 -18.29 34.76
C ASN A 302 14.48 -18.74 35.37
N LEU A 303 13.54 -19.25 34.57
CA LEU A 303 12.23 -19.65 35.05
C LEU A 303 12.30 -20.76 36.09
N LYS A 304 13.29 -21.64 36.05
CA LYS A 304 13.60 -22.59 37.10
C LYS A 304 13.47 -22.03 38.51
N THR A 305 14.20 -20.97 38.83
CA THR A 305 14.22 -20.37 40.14
C THR A 305 13.21 -19.22 40.29
N SER A 306 12.12 -19.29 39.56
CA SER A 306 11.18 -18.18 39.46
C SER A 306 9.87 -18.57 40.11
N LYS A 307 9.14 -17.63 40.72
CA LYS A 307 7.89 -17.95 41.39
C LYS A 307 6.69 -17.90 40.46
N ILE A 308 6.75 -17.25 39.30
CA ILE A 308 5.68 -17.40 38.31
C ILE A 308 5.97 -18.62 37.45
N GLN A 309 4.94 -19.27 36.92
CA GLN A 309 5.19 -20.31 35.91
C GLN A 309 4.40 -20.00 34.64
N VAL A 310 5.08 -20.04 33.50
CA VAL A 310 4.43 -19.71 32.23
C VAL A 310 3.48 -20.83 31.81
N LYS A 311 2.22 -20.47 31.58
CA LYS A 311 1.24 -21.43 31.09
C LYS A 311 1.58 -21.91 29.68
N GLU A 312 1.89 -20.98 28.78
CA GLU A 312 2.02 -21.30 27.37
C GLU A 312 3.22 -22.22 27.16
N ASN A 313 3.06 -23.21 26.29
CA ASN A 313 4.11 -24.20 26.05
C ASN A 313 5.40 -23.50 25.62
N MET A 314 6.50 -23.70 26.34
CA MET A 314 7.73 -22.97 26.05
C MET A 314 8.31 -23.32 24.69
N ASP A 315 8.29 -24.60 24.31
CA ASP A 315 8.82 -25.02 23.01
C ASP A 315 8.10 -24.38 21.84
N VAL A 316 6.79 -24.19 21.92
CA VAL A 316 6.03 -23.49 20.90
C VAL A 316 6.30 -21.99 20.92
N LEU A 317 6.45 -21.39 22.10
CA LEU A 317 6.82 -19.99 22.18
C LEU A 317 8.14 -19.74 21.45
N GLU A 318 9.15 -20.56 21.72
CA GLU A 318 10.42 -20.49 21.01
C GLU A 318 10.27 -20.65 19.50
N GLU A 319 9.51 -21.64 19.05
CA GLU A 319 9.21 -21.80 17.63
C GLU A 319 8.66 -20.53 17.01
N LEU A 320 7.73 -19.87 17.69
CA LEU A 320 7.07 -18.67 17.20
C LEU A 320 7.84 -17.38 17.44
N LYS A 321 8.92 -17.38 18.20
CA LYS A 321 9.74 -16.22 18.47
C LYS A 321 9.00 -15.18 19.33
N ILE A 322 8.20 -15.67 20.26
CA ILE A 322 7.51 -14.82 21.22
C ILE A 322 8.40 -14.56 22.43
N LEU A 323 8.36 -13.33 22.93
CA LEU A 323 9.19 -12.94 24.06
C LEU A 323 8.39 -12.95 25.36
N VAL A 324 9.08 -13.14 26.46
CA VAL A 324 8.48 -13.29 27.78
C VAL A 324 9.07 -12.28 28.76
N ASP A 325 8.23 -11.61 29.54
CA ASP A 325 8.73 -10.82 30.66
C ASP A 325 7.88 -11.13 31.89
N TYR A 326 8.56 -11.16 33.04
CA TYR A 326 7.88 -11.52 34.27
C TYR A 326 8.47 -10.88 35.53
N ASP A 327 7.58 -10.12 36.14
CA ASP A 327 7.71 -9.67 37.52
C ASP A 327 7.11 -10.89 38.14
N GLU A 328 7.45 -11.23 39.37
CA GLU A 328 6.99 -12.55 39.92
C GLU A 328 5.79 -12.46 40.88
N LYS A 329 4.73 -12.05 40.17
CA LYS A 329 3.34 -11.87 40.60
C LYS A 329 2.44 -12.18 39.38
N GLY A 330 3.11 -12.14 38.21
CA GLY A 330 2.51 -12.41 36.88
C GLY A 330 3.59 -12.30 35.77
N TYR A 331 3.13 -12.31 34.51
CA TYR A 331 4.02 -12.19 33.34
C TYR A 331 3.26 -11.72 32.09
N LEU A 332 4.02 -11.25 31.10
CA LEU A 332 3.42 -10.90 29.81
C LEU A 332 4.15 -11.62 28.68
N LEU A 333 3.42 -11.80 27.58
CA LEU A 333 4.01 -12.34 26.36
C LEU A 333 3.89 -11.30 25.24
N GLN A 334 4.89 -11.28 24.36
CA GLN A 334 5.15 -10.07 23.58
C GLN A 334 5.79 -10.40 22.24
N ILE A 335 5.38 -9.75 21.17
CA ILE A 335 6.09 -9.95 19.89
C ILE A 335 5.85 -8.79 18.93
N PHE A 336 6.88 -8.48 18.16
CA PHE A 336 6.88 -7.33 17.27
C PHE A 336 6.95 -7.68 15.79
N THR A 337 6.09 -7.04 15.02
CA THR A 337 6.21 -7.11 13.57
C THR A 337 7.45 -6.37 13.09
N LYS A 338 7.87 -6.74 11.88
CA LYS A 338 8.70 -5.86 11.05
C LYS A 338 7.95 -4.55 10.80
N PRO A 339 8.69 -3.55 10.36
CA PRO A 339 8.10 -2.27 9.99
C PRO A 339 6.95 -2.44 9.02
N MET A 340 5.98 -1.52 9.05
CA MET A 340 4.84 -1.54 8.16
C MET A 340 5.12 -0.85 6.83
N GLN A 341 6.31 -0.30 6.69
CA GLN A 341 6.75 0.51 5.57
C GLN A 341 8.27 0.40 5.46
N ASP A 342 8.86 0.96 4.41
CA ASP A 342 10.31 0.83 4.23
C ASP A 342 11.09 1.78 5.12
N ARG A 343 10.61 3.00 5.37
CA ARG A 343 11.23 3.80 6.43
C ARG A 343 11.12 3.05 7.74
N PRO A 344 12.12 3.16 8.60
CA PRO A 344 12.08 2.53 9.92
C PRO A 344 11.35 3.39 10.94
N THR A 345 10.04 3.49 10.76
CA THR A 345 9.16 4.27 11.61
C THR A 345 8.20 3.33 12.33
N LEU A 346 7.01 3.11 11.78
CA LEU A 346 5.95 2.40 12.48
C LEU A 346 6.09 0.89 12.47
N PHE A 347 5.79 0.25 13.59
CA PHE A 347 5.67 -1.21 13.64
C PHE A 347 4.54 -1.60 14.61
N LEU A 348 4.21 -2.88 14.70
CA LEU A 348 3.11 -3.31 15.56
C LEU A 348 3.57 -4.26 16.66
N GLU A 349 2.86 -4.28 17.78
CA GLU A 349 3.14 -5.22 18.86
C GLU A 349 1.91 -6.09 19.12
N VAL A 350 2.13 -7.39 19.27
CA VAL A 350 1.09 -8.26 19.83
C VAL A 350 1.49 -8.60 21.27
N ILE A 351 0.55 -8.39 22.21
CA ILE A 351 0.87 -8.63 23.61
C ILE A 351 -0.27 -9.39 24.28
N GLN A 352 0.12 -10.26 25.20
CA GLN A 352 -0.81 -10.95 26.08
C GLN A 352 -0.35 -10.79 27.53
N ARG A 353 -1.27 -10.42 28.40
CA ARG A 353 -0.95 -10.13 29.79
C ARG A 353 -1.44 -11.22 30.74
N HIS A 354 -0.55 -11.69 31.61
CA HIS A 354 -0.98 -12.56 32.70
C HIS A 354 -0.66 -11.94 34.06
N ASN A 355 -1.59 -11.13 34.54
CA ASN A 355 -1.45 -10.44 35.80
C ASN A 355 -0.16 -9.62 35.86
N HIS A 356 -0.01 -8.75 34.86
CA HIS A 356 1.23 -8.01 34.68
C HIS A 356 0.99 -6.75 33.84
N GLN A 357 1.60 -5.65 34.27
CA GLN A 357 1.26 -4.33 33.77
C GLN A 357 2.43 -3.64 33.08
N GLY A 358 3.58 -4.30 33.10
CA GLY A 358 4.78 -3.78 32.47
C GLY A 358 4.69 -3.87 30.95
N PHE A 359 5.78 -3.49 30.27
CA PHE A 359 5.78 -3.30 28.83
C PHE A 359 6.93 -4.01 28.13
N GLY A 360 7.66 -4.87 28.81
CA GLY A 360 8.66 -5.72 28.16
C GLY A 360 10.08 -5.26 28.45
N ALA A 361 10.21 -4.40 29.44
CA ALA A 361 11.46 -3.78 29.85
C ALA A 361 12.65 -4.72 29.91
N GLY A 362 12.52 -5.87 30.55
CA GLY A 362 13.55 -6.88 30.63
C GLY A 362 13.99 -7.42 29.28
N ASN A 363 13.13 -7.40 28.27
CA ASN A 363 13.47 -7.91 26.96
C ASN A 363 14.48 -7.07 26.19
N PHE A 364 14.65 -5.77 26.35
CA PHE A 364 15.79 -5.08 25.74
C PHE A 364 17.07 -5.90 25.93
N ASN A 365 17.37 -6.06 27.21
CA ASN A 365 18.50 -6.69 27.83
C ASN A 365 18.56 -8.19 27.57
N SER A 366 17.42 -8.81 27.30
CA SER A 366 17.36 -10.18 26.83
C SER A 366 17.53 -10.24 25.31
N LYS B 7 4.21 1.37 -42.33
CA LYS B 7 5.20 0.90 -41.31
C LYS B 7 6.43 1.79 -41.31
N GLY B 8 6.64 2.49 -42.42
CA GLY B 8 7.79 3.39 -42.55
C GLY B 8 9.08 2.58 -42.72
N PRO B 9 10.19 3.28 -42.81
CA PRO B 9 11.49 2.64 -43.00
C PRO B 9 11.93 1.84 -41.80
N LYS B 10 12.67 0.75 -42.04
CA LYS B 10 13.23 -0.02 -40.94
C LYS B 10 14.43 0.70 -40.35
N PRO B 11 14.33 1.07 -39.07
CA PRO B 11 15.44 1.69 -38.37
C PRO B 11 16.76 1.05 -38.77
N GLU B 12 17.74 1.86 -39.18
CA GLU B 12 19.03 1.29 -39.58
C GLU B 12 19.72 0.67 -38.37
N ARG B 13 19.71 1.40 -37.25
CA ARG B 13 20.37 0.95 -36.04
C ARG B 13 19.42 0.77 -34.86
N GLY B 14 19.87 -0.04 -33.91
CA GLY B 14 19.17 -0.20 -32.64
C GLY B 14 17.91 -1.03 -32.80
N ARG B 15 17.39 -1.50 -31.67
CA ARG B 15 16.21 -2.37 -31.68
C ARG B 15 15.60 -2.38 -30.29
N PHE B 16 14.31 -2.11 -30.21
CA PHE B 16 13.59 -2.26 -28.93
C PHE B 16 13.06 -3.69 -28.87
N LEU B 17 13.68 -4.53 -28.05
CA LEU B 17 13.34 -5.95 -28.03
C LEU B 17 11.96 -6.16 -27.44
N HIS B 18 11.80 -5.78 -26.17
CA HIS B 18 10.56 -5.91 -25.44
C HIS B 18 10.45 -4.93 -24.27
N PHE B 19 9.27 -4.94 -23.64
CA PHE B 19 9.11 -4.31 -22.34
C PHE B 19 9.99 -5.04 -21.31
N HIS B 20 10.85 -4.27 -20.66
CA HIS B 20 11.78 -4.83 -19.68
C HIS B 20 11.17 -4.84 -18.29
N SER B 21 10.50 -3.74 -17.96
CA SER B 21 9.93 -3.56 -16.62
C SER B 21 9.08 -2.31 -16.56
N VAL B 22 8.27 -2.21 -15.51
CA VAL B 22 7.47 -1.02 -15.23
C VAL B 22 7.76 -0.54 -13.81
N THR B 23 8.24 0.70 -13.67
CA THR B 23 8.55 1.23 -12.35
C THR B 23 7.43 2.12 -11.84
N PHE B 24 6.94 1.76 -10.66
CA PHE B 24 5.88 2.48 -9.97
C PHE B 24 6.49 3.34 -8.85
N TRP B 25 6.12 4.61 -8.82
CA TRP B 25 6.45 5.45 -7.67
C TRP B 25 5.23 5.56 -6.76
N VAL B 26 5.35 4.97 -5.57
CA VAL B 26 4.21 4.77 -4.69
C VAL B 26 4.51 5.27 -3.29
N GLY B 27 3.45 5.37 -2.49
CA GLY B 27 3.55 5.81 -1.11
C GLY B 27 4.28 4.80 -0.23
N ASN B 28 3.99 3.51 -0.42
CA ASN B 28 4.53 2.49 0.47
C ASN B 28 4.92 1.26 -0.35
N ALA B 29 6.17 1.21 -0.80
CA ALA B 29 6.63 0.19 -1.72
C ALA B 29 6.44 -1.22 -1.16
N LYS B 30 6.85 -1.43 0.09
CA LYS B 30 6.66 -2.69 0.77
C LYS B 30 5.22 -3.20 0.64
N GLN B 31 4.25 -2.37 1.01
CA GLN B 31 2.85 -2.73 0.95
C GLN B 31 2.30 -2.84 -0.46
N ALA B 32 2.78 -2.01 -1.38
CA ALA B 32 2.43 -2.14 -2.80
C ALA B 32 2.91 -3.47 -3.35
N ALA B 33 4.14 -3.86 -3.01
CA ALA B 33 4.69 -5.15 -3.37
C ALA B 33 3.93 -6.31 -2.77
N SER B 34 3.55 -6.20 -1.50
CA SER B 34 2.68 -7.19 -0.88
C SER B 34 1.37 -7.35 -1.66
N PHE B 35 0.78 -6.23 -2.05
CA PHE B 35 -0.47 -6.21 -2.79
C PHE B 35 -0.39 -6.87 -4.17
N TYR B 36 0.62 -6.55 -4.98
CA TYR B 36 0.71 -7.10 -6.32
C TYR B 36 1.07 -8.59 -6.31
N CYS B 37 1.85 -9.00 -5.31
CA CYS B 37 2.16 -10.40 -5.11
C CYS B 37 0.96 -11.21 -4.67
N ASN B 38 0.28 -10.79 -3.60
CA ASN B 38 -0.85 -11.53 -3.08
C ASN B 38 -2.05 -11.52 -4.03
N LYS B 39 -2.40 -10.34 -4.54
CA LYS B 39 -3.64 -10.17 -5.29
C LYS B 39 -3.49 -10.40 -6.78
N MET B 40 -2.30 -10.24 -7.33
CA MET B 40 -2.13 -10.32 -8.78
C MET B 40 -1.20 -11.44 -9.23
N GLY B 41 -0.56 -12.14 -8.29
CA GLY B 41 0.15 -13.37 -8.61
C GLY B 41 1.65 -13.20 -8.78
N PHE B 42 2.14 -12.00 -8.51
CA PHE B 42 3.57 -11.69 -8.60
C PHE B 42 4.35 -12.33 -7.45
N GLU B 43 5.65 -12.48 -7.63
CA GLU B 43 6.55 -13.04 -6.63
C GLU B 43 7.74 -12.09 -6.46
N PRO B 44 8.28 -11.99 -5.26
CA PRO B 44 9.45 -11.16 -5.00
C PRO B 44 10.65 -11.57 -5.83
N LEU B 45 11.32 -10.63 -6.49
CA LEU B 45 12.49 -10.96 -7.31
C LEU B 45 13.77 -10.37 -6.76
N ALA B 46 13.73 -9.10 -6.35
CA ALA B 46 14.94 -8.42 -5.90
C ALA B 46 14.59 -7.16 -5.11
N TYR B 47 15.62 -6.52 -4.57
CA TYR B 47 15.43 -5.42 -3.63
C TYR B 47 16.64 -4.51 -3.60
N LYS B 48 16.36 -3.24 -3.33
CA LYS B 48 17.40 -2.23 -3.20
C LYS B 48 16.92 -1.20 -2.19
N GLY B 49 17.74 -0.86 -1.20
CA GLY B 49 17.27 -0.01 -0.11
C GLY B 49 18.36 0.07 0.95
N LEU B 50 18.01 0.48 2.16
CA LEU B 50 19.01 0.80 3.18
C LEU B 50 20.04 -0.28 3.42
N GLU B 51 19.67 -1.56 3.42
CA GLU B 51 20.61 -2.64 3.69
C GLU B 51 21.51 -2.98 2.51
N THR B 52 21.20 -2.52 1.30
CA THR B 52 22.07 -2.72 0.15
C THR B 52 22.89 -1.47 -0.17
N GLY B 53 22.80 -0.45 0.68
CA GLY B 53 23.58 0.76 0.54
C GLY B 53 22.83 1.87 -0.18
N SER B 54 21.55 1.67 -0.45
CA SER B 54 20.75 2.61 -1.22
C SER B 54 19.97 3.55 -0.30
N ARG B 55 20.46 4.77 -0.04
CA ARG B 55 19.94 5.53 1.08
C ARG B 55 18.78 6.46 0.74
N GLU B 56 18.50 6.70 -0.53
CA GLU B 56 17.52 7.70 -0.92
C GLU B 56 16.20 7.07 -1.34
N VAL B 57 16.31 5.93 -2.03
CA VAL B 57 15.20 5.26 -2.68
C VAL B 57 15.15 3.76 -2.30
N VAL B 58 13.97 3.24 -1.99
CA VAL B 58 13.80 1.80 -1.85
C VAL B 58 13.23 1.23 -3.17
N SER B 59 13.67 0.04 -3.58
CA SER B 59 12.99 -0.62 -4.68
C SER B 59 12.65 -2.07 -4.32
N HIS B 60 11.38 -2.44 -4.42
CA HIS B 60 11.00 -3.85 -4.38
C HIS B 60 10.68 -4.33 -5.80
N VAL B 61 11.46 -5.30 -6.28
CA VAL B 61 11.27 -5.84 -7.61
C VAL B 61 10.50 -7.16 -7.56
N ILE B 62 9.38 -7.22 -8.26
CA ILE B 62 8.59 -8.44 -8.31
C ILE B 62 8.37 -8.86 -9.77
N LYS B 63 7.99 -10.13 -9.96
CA LYS B 63 7.99 -10.71 -11.30
C LYS B 63 6.98 -11.84 -11.45
N GLN B 64 6.38 -11.94 -12.64
CA GLN B 64 5.50 -13.03 -12.99
C GLN B 64 5.65 -13.32 -14.49
N GLY B 65 6.01 -14.54 -14.86
CA GLY B 65 6.37 -14.80 -16.25
C GLY B 65 7.51 -13.85 -16.65
N LYS B 66 7.28 -13.03 -17.67
CA LYS B 66 8.25 -12.04 -18.11
C LYS B 66 8.00 -10.67 -17.46
N ILE B 67 6.82 -10.51 -16.88
CA ILE B 67 6.38 -9.21 -16.38
C ILE B 67 7.18 -8.80 -15.15
N VAL B 68 7.86 -7.66 -15.23
CA VAL B 68 8.61 -7.14 -14.09
C VAL B 68 8.05 -5.80 -13.65
N PHE B 69 7.51 -5.75 -12.44
CA PHE B 69 7.06 -4.48 -11.84
C PHE B 69 8.06 -4.08 -10.75
N VAL B 70 8.39 -2.80 -10.67
CA VAL B 70 9.33 -2.29 -9.67
C VAL B 70 8.64 -1.27 -8.78
N LEU B 71 8.59 -1.49 -7.48
CA LEU B 71 7.86 -0.56 -6.60
C LEU B 71 8.82 0.29 -5.80
N CYS B 72 8.70 1.60 -5.92
CA CYS B 72 9.69 2.51 -5.35
C CYS B 72 9.09 3.51 -4.37
N SER B 73 9.84 3.83 -3.32
CA SER B 73 9.48 4.89 -2.40
C SER B 73 10.71 5.70 -1.99
N ALA B 74 10.51 6.96 -1.66
CA ALA B 74 11.58 7.73 -1.02
C ALA B 74 11.82 7.17 0.37
N LEU B 75 13.08 7.21 0.82
CA LEU B 75 13.41 6.77 2.17
C LEU B 75 13.45 7.94 3.13
N ASN B 76 13.62 9.15 2.61
CA ASN B 76 13.75 10.33 3.46
C ASN B 76 12.57 11.28 3.35
N PRO B 77 12.27 11.92 4.48
CA PRO B 77 11.36 13.06 4.50
C PRO B 77 11.80 14.10 3.48
N TRP B 78 10.79 14.74 2.88
CA TRP B 78 11.00 15.91 2.04
C TRP B 78 11.81 15.58 0.78
N ASN B 79 11.60 14.37 0.24
CA ASN B 79 12.15 14.02 -1.06
C ASN B 79 11.40 14.86 -2.11
N LYS B 80 12.15 15.76 -2.74
CA LYS B 80 11.55 16.74 -3.64
C LYS B 80 10.84 16.06 -4.81
N GLU B 81 11.63 15.35 -5.63
CA GLU B 81 11.11 14.81 -6.87
C GLU B 81 10.12 13.67 -6.66
N MET B 82 10.41 12.70 -5.79
CA MET B 82 9.46 11.62 -5.56
C MET B 82 8.25 12.13 -4.78
N GLY B 83 8.50 13.02 -3.84
CA GLY B 83 7.46 13.68 -3.06
C GLY B 83 6.47 14.46 -3.90
N ASP B 84 6.94 15.33 -4.79
CA ASP B 84 6.05 16.11 -5.66
C ASP B 84 5.16 15.21 -6.51
N HIS B 85 5.77 14.20 -7.11
CA HIS B 85 5.10 13.19 -7.91
C HIS B 85 4.04 12.43 -7.12
N LEU B 86 4.40 11.99 -5.92
CA LEU B 86 3.46 11.30 -5.04
C LEU B 86 2.25 12.17 -4.76
N VAL B 87 2.49 13.40 -4.31
CA VAL B 87 1.42 14.36 -4.06
C VAL B 87 0.61 14.65 -5.33
N LYS B 88 1.28 14.82 -6.46
CA LYS B 88 0.64 15.09 -7.73
C LYS B 88 -0.24 13.95 -8.23
N HIS B 89 0.31 12.74 -8.33
CA HIS B 89 -0.35 11.66 -9.05
C HIS B 89 -1.01 10.61 -8.16
N GLY B 90 -0.55 10.52 -6.92
CA GLY B 90 -0.86 9.33 -6.11
C GLY B 90 0.09 8.21 -6.56
N ASP B 91 -0.15 6.99 -6.11
CA ASP B 91 0.58 5.83 -6.61
C ASP B 91 0.36 5.68 -8.10
N GLY B 92 1.41 5.51 -8.89
CA GLY B 92 1.26 5.37 -10.33
C GLY B 92 2.57 5.03 -11.02
N VAL B 93 2.55 4.85 -12.33
CA VAL B 93 3.74 4.48 -13.09
C VAL B 93 4.68 5.66 -13.25
N LYS B 94 5.98 5.48 -12.97
CA LYS B 94 6.97 6.49 -13.30
C LYS B 94 7.62 6.18 -14.64
N ASP B 95 8.14 4.97 -14.76
CA ASP B 95 8.98 4.61 -15.90
C ASP B 95 8.52 3.35 -16.60
N ILE B 96 8.57 3.38 -17.93
CA ILE B 96 8.38 2.18 -18.75
C ILE B 96 9.73 1.80 -19.35
N ALA B 97 10.31 0.70 -18.88
CA ALA B 97 11.63 0.30 -19.34
C ALA B 97 11.53 -0.53 -20.61
N PHE B 98 12.42 -0.27 -21.57
CA PHE B 98 12.53 -1.13 -22.73
C PHE B 98 13.92 -1.79 -22.76
N GLU B 99 13.94 -3.09 -23.01
CA GLU B 99 15.20 -3.78 -23.28
C GLU B 99 15.54 -3.62 -24.77
N VAL B 100 16.77 -3.21 -25.06
CA VAL B 100 17.14 -2.77 -26.39
C VAL B 100 18.48 -3.36 -26.86
N GLU B 101 18.71 -3.32 -28.17
CA GLU B 101 20.04 -3.49 -28.73
C GLU B 101 20.52 -2.14 -29.28
N ASP B 102 21.75 -1.78 -29.08
CA ASP B 102 22.43 -0.53 -29.31
C ASP B 102 21.76 0.72 -28.75
N CYS B 103 21.73 0.75 -27.42
CA CYS B 103 21.30 1.86 -26.60
C CYS B 103 21.95 3.18 -27.00
N GLU B 104 23.26 3.21 -27.19
CA GLU B 104 23.96 4.43 -27.58
C GLU B 104 23.40 5.02 -28.87
N HIS B 105 23.14 4.19 -29.88
CA HIS B 105 22.55 4.72 -31.10
C HIS B 105 21.11 5.15 -30.95
N ILE B 106 20.27 4.39 -30.25
CA ILE B 106 18.89 4.83 -30.03
C ILE B 106 18.87 6.21 -29.38
N VAL B 107 19.69 6.43 -28.36
CA VAL B 107 19.82 7.71 -27.71
C VAL B 107 20.34 8.81 -28.62
N GLN B 108 21.42 8.58 -29.37
CA GLN B 108 21.90 9.56 -30.35
C GLN B 108 20.77 10.04 -31.25
N LYS B 109 20.08 9.08 -31.86
CA LYS B 109 18.94 9.31 -32.72
C LYS B 109 17.82 10.10 -32.06
N ALA B 110 17.41 9.69 -30.87
CA ALA B 110 16.37 10.38 -30.13
C ALA B 110 16.74 11.82 -29.82
N ARG B 111 17.97 12.05 -29.41
CA ARG B 111 18.50 13.37 -29.12
C ARG B 111 18.52 14.29 -30.32
N GLU B 112 18.96 13.80 -31.48
CA GLU B 112 18.94 14.56 -32.71
C GLU B 112 17.53 15.01 -33.10
N ARG B 113 16.58 14.10 -32.94
CA ARG B 113 15.21 14.30 -33.35
C ARG B 113 14.38 15.13 -32.38
N GLY B 114 14.86 15.41 -31.17
CA GLY B 114 14.19 16.34 -30.30
C GLY B 114 13.90 15.83 -28.90
N ALA B 115 14.13 14.55 -28.64
CA ALA B 115 13.80 13.98 -27.33
C ALA B 115 14.70 14.56 -26.23
N LYS B 116 14.13 14.72 -25.04
CA LYS B 116 14.92 15.12 -23.88
C LYS B 116 15.54 13.90 -23.20
N ILE B 117 16.86 13.92 -23.11
CA ILE B 117 17.59 12.88 -22.40
C ILE B 117 17.68 13.23 -20.92
N VAL B 118 16.93 12.52 -20.08
CA VAL B 118 16.92 12.79 -18.65
C VAL B 118 18.25 12.37 -18.02
N ARG B 119 18.74 11.21 -18.47
CA ARG B 119 20.01 10.69 -17.97
C ARG B 119 20.81 10.08 -19.10
N GLU B 120 21.96 10.68 -19.38
CA GLU B 120 22.89 10.20 -20.40
C GLU B 120 23.27 8.75 -20.14
N PRO B 121 23.57 8.00 -21.20
CA PRO B 121 23.98 6.62 -21.08
C PRO B 121 24.98 6.37 -19.96
N TRP B 122 24.79 5.29 -19.21
CA TRP B 122 25.73 4.89 -18.17
C TRP B 122 25.75 3.37 -18.03
N VAL B 123 26.85 2.82 -17.51
CA VAL B 123 27.02 1.39 -17.33
C VAL B 123 27.12 1.04 -15.86
N GLU B 124 26.50 -0.05 -15.43
CA GLU B 124 26.66 -0.56 -14.07
C GLU B 124 27.06 -2.03 -14.11
N GLU B 125 27.97 -2.47 -13.25
CA GLU B 125 28.54 -3.82 -13.33
C GLU B 125 28.52 -4.52 -11.99
N ASP B 126 28.56 -5.85 -11.98
CA ASP B 126 28.86 -6.62 -10.77
C ASP B 126 29.69 -7.83 -11.13
N LYS B 127 29.77 -8.77 -10.18
CA LYS B 127 30.27 -10.13 -10.36
C LYS B 127 29.55 -10.89 -11.48
N PHE B 128 28.38 -10.45 -11.86
CA PHE B 128 27.49 -10.95 -12.87
C PHE B 128 27.53 -10.25 -14.22
N GLY B 129 28.19 -9.11 -14.39
CA GLY B 129 28.32 -8.50 -15.71
C GLY B 129 27.86 -7.05 -15.78
N LYS B 130 27.74 -6.50 -16.98
CA LYS B 130 27.44 -5.09 -17.18
C LYS B 130 26.10 -4.84 -17.85
N VAL B 131 25.46 -3.74 -17.45
CA VAL B 131 24.23 -3.31 -18.09
C VAL B 131 24.35 -1.82 -18.45
N LYS B 132 23.99 -1.47 -19.69
CA LYS B 132 23.99 -0.07 -20.08
C LYS B 132 22.59 0.52 -20.04
N PHE B 133 22.49 1.73 -19.51
CA PHE B 133 21.21 2.38 -19.30
C PHE B 133 21.19 3.78 -19.92
N ALA B 134 19.97 4.25 -20.16
CA ALA B 134 19.73 5.65 -20.50
C ALA B 134 18.28 5.99 -20.23
N VAL B 135 18.01 7.24 -19.84
CA VAL B 135 16.66 7.66 -19.51
C VAL B 135 16.20 8.80 -20.41
N LEU B 136 15.05 8.62 -21.05
CA LEU B 136 14.42 9.69 -21.81
C LEU B 136 13.04 10.03 -21.22
N GLN B 137 12.60 11.23 -21.56
CA GLN B 137 11.32 11.77 -21.10
C GLN B 137 10.23 11.58 -22.13
N THR B 138 9.13 10.92 -21.77
CA THR B 138 7.97 10.91 -22.66
C THR B 138 6.88 11.77 -22.04
N TYR B 139 5.61 11.45 -22.25
CA TYR B 139 4.51 12.32 -21.84
C TYR B 139 4.43 12.52 -20.34
N GLY B 140 3.86 13.65 -19.92
CA GLY B 140 3.72 13.99 -18.51
C GLY B 140 5.04 13.84 -17.76
N ASP B 141 5.02 13.09 -16.67
CA ASP B 141 6.22 12.79 -15.90
C ASP B 141 6.77 11.41 -16.22
N THR B 142 6.22 10.74 -17.22
CA THR B 142 6.60 9.38 -17.55
C THR B 142 7.93 9.35 -18.30
N THR B 143 8.80 8.40 -17.95
CA THR B 143 10.09 8.25 -18.60
C THR B 143 10.23 6.87 -19.24
N HIS B 144 11.24 6.70 -20.08
CA HIS B 144 11.64 5.39 -20.57
C HIS B 144 13.09 5.10 -20.22
N THR B 145 13.32 4.03 -19.46
CA THR B 145 14.68 3.57 -19.25
C THR B 145 15.02 2.51 -20.31
N LEU B 146 16.08 2.78 -21.07
CA LEU B 146 16.62 1.79 -22.00
C LEU B 146 17.60 0.89 -21.24
N VAL B 147 17.45 -0.41 -21.43
CA VAL B 147 18.28 -1.38 -20.75
C VAL B 147 19.03 -2.22 -21.79
N GLU B 148 20.37 -2.14 -21.82
CA GLU B 148 21.12 -2.99 -22.71
C GLU B 148 22.08 -3.88 -21.91
N LYS B 149 21.74 -5.16 -21.82
CA LYS B 149 22.57 -6.11 -21.11
C LYS B 149 23.73 -6.56 -21.98
N ILE B 150 24.93 -6.42 -21.45
CA ILE B 150 26.13 -6.89 -22.15
C ILE B 150 26.37 -8.37 -21.87
N ASN B 151 26.96 -8.67 -20.72
CA ASN B 151 27.47 -9.95 -20.31
C ASN B 151 26.49 -10.77 -19.47
N TYR B 152 25.59 -10.02 -18.87
CA TYR B 152 24.76 -10.34 -17.76
C TYR B 152 24.06 -11.68 -17.69
N THR B 153 24.21 -12.16 -16.46
CA THR B 153 23.81 -13.47 -16.00
C THR B 153 22.89 -13.36 -14.74
N GLY B 154 22.82 -12.15 -14.20
CA GLY B 154 22.06 -11.82 -12.95
C GLY B 154 20.54 -12.07 -13.09
N ARG B 155 19.91 -12.15 -11.92
CA ARG B 155 18.45 -12.42 -11.77
C ARG B 155 17.59 -11.25 -12.25
N PHE B 156 18.08 -9.96 -11.64
CA PHE B 156 17.44 -8.78 -12.26
C PHE B 156 18.49 -7.81 -12.87
N LEU B 157 19.00 -6.90 -12.14
CA LEU B 157 19.96 -5.83 -12.60
C LEU B 157 21.04 -5.57 -11.53
N PRO B 158 22.20 -5.02 -11.91
CA PRO B 158 23.28 -4.72 -10.97
C PRO B 158 22.85 -3.74 -9.89
N GLY B 159 23.14 -4.06 -8.64
CA GLY B 159 22.83 -3.21 -7.50
C GLY B 159 21.60 -3.65 -6.75
N PHE B 160 20.88 -4.62 -7.31
CA PHE B 160 19.68 -5.19 -6.71
C PHE B 160 19.99 -6.55 -6.09
N GLU B 161 19.81 -6.67 -4.79
CA GLU B 161 20.08 -7.88 -4.03
C GLU B 161 18.89 -8.84 -3.97
N ALA B 162 19.08 -10.01 -3.35
CA ALA B 162 17.97 -10.93 -3.09
C ALA B 162 16.95 -10.30 -2.15
N PRO B 163 15.68 -10.63 -2.35
CA PRO B 163 14.63 -10.10 -1.50
C PRO B 163 15.01 -10.26 -0.04
N THR B 164 14.81 -9.17 0.67
CA THR B 164 15.02 -8.98 2.08
C THR B 164 13.95 -9.56 2.99
N TYR B 165 13.03 -10.35 2.45
CA TYR B 165 11.73 -10.50 3.11
C TYR B 165 11.16 -11.83 2.67
N LYS B 166 10.15 -12.33 3.39
CA LYS B 166 9.36 -13.36 2.72
C LYS B 166 7.95 -13.53 3.25
N ASP B 167 7.11 -13.62 2.22
CA ASP B 167 5.69 -13.85 2.33
C ASP B 167 5.37 -15.33 2.13
N THR B 168 5.10 -15.92 3.28
CA THR B 168 4.82 -17.34 3.43
C THR B 168 3.46 -17.73 2.89
N LEU B 169 2.54 -16.77 2.69
CA LEU B 169 1.25 -17.05 2.08
C LEU B 169 1.35 -17.30 0.58
N LEU B 170 2.36 -16.73 -0.08
CA LEU B 170 2.46 -16.77 -1.53
C LEU B 170 2.42 -18.16 -2.12
N PRO B 171 3.21 -19.10 -1.59
CA PRO B 171 3.19 -20.48 -2.03
C PRO B 171 1.85 -21.19 -1.93
N LYS B 172 0.94 -20.77 -1.07
CA LYS B 172 -0.36 -21.37 -0.88
C LYS B 172 -1.46 -20.85 -1.79
N LEU B 173 -1.20 -19.75 -2.50
CA LEU B 173 -2.17 -19.19 -3.44
C LEU B 173 -1.94 -19.74 -4.83
N PRO B 174 -3.00 -19.83 -5.63
CA PRO B 174 -2.93 -20.43 -6.95
C PRO B 174 -2.20 -19.55 -7.95
N SER B 175 -1.51 -20.18 -8.91
CA SER B 175 -0.76 -19.47 -9.93
C SER B 175 -1.66 -18.71 -10.88
N CYS B 176 -1.30 -17.47 -11.22
CA CYS B 176 -2.14 -16.67 -12.11
C CYS B 176 -1.69 -16.77 -13.56
N ASN B 177 -0.46 -17.21 -13.78
CA ASN B 177 0.05 -17.56 -15.11
C ASN B 177 0.05 -16.39 -16.08
N LEU B 178 0.23 -15.16 -15.61
CA LEU B 178 0.31 -14.01 -16.52
C LEU B 178 1.71 -14.00 -17.12
N GLU B 179 1.83 -13.79 -18.42
CA GLU B 179 3.05 -14.11 -19.14
C GLU B 179 3.93 -12.90 -19.46
N ILE B 180 3.31 -11.88 -20.04
CA ILE B 180 4.06 -10.79 -20.66
C ILE B 180 3.19 -9.55 -20.85
N ILE B 181 3.81 -8.37 -20.85
CA ILE B 181 3.07 -7.15 -21.12
C ILE B 181 2.73 -7.02 -22.60
N ASP B 182 1.43 -6.88 -22.84
CA ASP B 182 0.86 -6.78 -24.18
C ASP B 182 0.82 -5.34 -24.68
N HIS B 183 0.25 -4.45 -23.87
CA HIS B 183 0.17 -3.04 -24.24
C HIS B 183 0.07 -2.17 -22.98
N ILE B 184 0.63 -0.98 -23.03
CA ILE B 184 0.53 -0.02 -21.93
C ILE B 184 0.01 1.31 -22.48
N VAL B 185 -1.11 1.75 -21.92
CA VAL B 185 -1.85 2.89 -22.46
C VAL B 185 -1.49 4.19 -21.74
N GLY B 186 -1.31 5.25 -22.52
CA GLY B 186 -0.99 6.56 -21.97
C GLY B 186 -2.10 7.56 -22.27
N ASN B 187 -2.77 8.04 -21.22
CA ASN B 187 -3.79 9.06 -21.37
C ASN B 187 -3.16 10.45 -21.47
N GLN B 188 -3.68 11.28 -22.37
CA GLN B 188 -3.17 12.63 -22.53
C GLN B 188 -4.28 13.66 -22.32
N PRO B 189 -3.86 14.88 -22.01
CA PRO B 189 -4.74 16.02 -22.02
C PRO B 189 -5.36 16.24 -23.40
N ASP B 190 -6.47 16.95 -23.40
CA ASP B 190 -7.11 17.46 -24.61
C ASP B 190 -6.10 17.91 -25.65
N GLN B 191 -6.16 17.37 -26.87
CA GLN B 191 -5.34 17.83 -27.98
C GLN B 191 -3.86 17.53 -27.84
N GLU B 192 -3.46 16.56 -27.03
CA GLU B 192 -2.06 16.23 -26.87
C GLU B 192 -1.76 14.82 -27.35
N MET B 193 -2.76 14.20 -27.97
CA MET B 193 -2.62 12.85 -28.50
C MET B 193 -1.66 12.83 -29.68
N GLU B 194 -1.82 13.76 -30.63
CA GLU B 194 -0.94 13.81 -31.78
C GLU B 194 0.52 13.96 -31.36
N SER B 195 0.82 14.94 -30.52
CA SER B 195 2.19 15.22 -30.13
C SER B 195 2.79 14.16 -29.22
N ALA B 196 1.99 13.54 -28.35
CA ALA B 196 2.47 12.45 -27.52
C ALA B 196 2.91 11.26 -28.38
N SER B 197 2.07 10.93 -29.37
CA SER B 197 2.36 9.86 -30.32
C SER B 197 3.43 10.23 -31.33
N GLU B 198 3.49 11.48 -31.79
CA GLU B 198 4.56 11.94 -32.67
C GLU B 198 5.93 11.79 -32.01
N TRP B 199 6.01 11.98 -30.70
CA TRP B 199 7.19 11.70 -29.92
C TRP B 199 7.79 10.33 -30.22
N TYR B 200 7.00 9.26 -30.30
CA TYR B 200 7.48 7.93 -30.64
C TYR B 200 7.86 7.79 -32.12
N LEU B 201 7.02 8.34 -32.99
CA LEU B 201 7.30 8.28 -34.42
C LEU B 201 8.65 8.91 -34.74
N LYS B 202 8.85 10.15 -34.33
CA LYS B 202 10.10 10.84 -34.59
C LYS B 202 11.26 10.37 -33.72
N ASN B 203 11.10 10.38 -32.40
CA ASN B 203 12.27 10.20 -31.54
C ASN B 203 12.74 8.75 -31.46
N LEU B 204 11.83 7.78 -31.53
CA LEU B 204 12.23 6.39 -31.39
C LEU B 204 12.07 5.58 -32.67
N GLN B 205 11.51 6.17 -33.72
CA GLN B 205 11.34 5.50 -35.01
C GLN B 205 10.32 4.37 -34.91
N PHE B 206 9.27 4.64 -34.15
CA PHE B 206 8.08 3.81 -34.07
C PHE B 206 7.18 4.15 -35.25
N HIS B 207 6.16 3.33 -35.49
CA HIS B 207 5.16 3.67 -36.48
C HIS B 207 3.76 3.49 -35.89
N ARG B 208 2.78 4.05 -36.59
CA ARG B 208 1.40 3.89 -36.17
C ARG B 208 0.94 2.46 -36.40
N PHE B 209 0.81 1.70 -35.31
CA PHE B 209 0.47 0.29 -35.48
C PHE B 209 -1.03 0.17 -35.46
N TRP B 210 -1.66 -0.06 -36.60
CA TRP B 210 -2.98 -0.69 -36.49
C TRP B 210 -3.92 -0.39 -37.64
N LEU B 224 -13.31 9.46 -26.15
CA LEU B 224 -12.05 8.76 -26.40
C LEU B 224 -11.59 8.93 -27.84
N ARG B 225 -10.36 9.37 -28.02
CA ARG B 225 -9.70 9.29 -29.32
C ARG B 225 -8.38 8.56 -29.12
N SER B 226 -8.01 7.63 -29.99
CA SER B 226 -6.82 6.82 -29.73
C SER B 226 -5.91 6.65 -30.93
N ILE B 227 -4.63 6.52 -30.62
CA ILE B 227 -3.61 6.14 -31.62
C ILE B 227 -2.59 5.21 -30.98
N VAL B 228 -2.36 4.07 -31.63
CA VAL B 228 -1.40 3.09 -31.14
C VAL B 228 -0.08 3.19 -31.93
N VAL B 229 1.00 3.38 -31.19
CA VAL B 229 2.34 3.36 -31.78
C VAL B 229 3.05 2.06 -31.44
N ALA B 230 3.95 1.63 -32.31
CA ALA B 230 4.67 0.37 -32.10
C ALA B 230 6.08 0.42 -32.67
N ASN B 231 7.01 -0.25 -32.00
CA ASN B 231 8.37 -0.35 -32.55
C ASN B 231 8.30 -1.11 -33.87
N TYR B 232 9.39 -1.07 -34.63
CA TYR B 232 9.40 -1.62 -35.98
C TYR B 232 8.85 -3.03 -36.07
N GLU B 233 9.34 -3.93 -35.21
CA GLU B 233 8.95 -5.33 -35.23
C GLU B 233 7.65 -5.59 -34.49
N GLU B 234 7.08 -4.58 -33.86
CA GLU B 234 5.75 -4.59 -33.28
C GLU B 234 5.64 -5.48 -32.05
N SER B 235 6.75 -5.60 -31.32
CA SER B 235 6.77 -6.31 -30.05
C SER B 235 6.35 -5.38 -28.92
N ILE B 236 6.49 -4.07 -29.13
CA ILE B 236 6.06 -3.07 -28.17
C ILE B 236 4.89 -2.26 -28.72
N LYS B 237 3.76 -2.28 -28.01
CA LYS B 237 2.59 -1.52 -28.38
C LYS B 237 2.23 -0.49 -27.31
N MET B 238 2.03 0.76 -27.70
CA MET B 238 1.72 1.84 -26.77
C MET B 238 0.56 2.70 -27.26
N PRO B 239 -0.67 2.35 -26.89
CA PRO B 239 -1.82 3.18 -27.20
C PRO B 239 -1.71 4.54 -26.55
N ILE B 240 -2.10 5.58 -27.26
CA ILE B 240 -2.15 6.95 -26.75
C ILE B 240 -3.57 7.50 -26.90
N ASN B 241 -4.18 7.94 -25.80
CA ASN B 241 -5.54 8.45 -25.86
C ASN B 241 -5.61 9.95 -25.54
N GLU B 242 -6.63 10.61 -26.08
CA GLU B 242 -7.03 11.93 -25.61
C GLU B 242 -8.54 11.91 -25.42
N PRO B 243 -9.06 12.84 -24.62
CA PRO B 243 -10.49 12.98 -24.42
C PRO B 243 -11.19 13.24 -25.75
N ALA B 244 -12.46 12.88 -25.84
CA ALA B 244 -13.26 13.32 -26.99
C ALA B 244 -14.43 14.17 -26.49
N SER B 250 -16.12 12.45 -20.11
CA SER B 250 -15.09 11.62 -20.72
C SER B 250 -14.23 10.93 -19.67
N GLN B 251 -14.04 9.63 -19.81
CA GLN B 251 -13.16 8.84 -18.97
C GLN B 251 -11.72 9.37 -18.95
N ILE B 252 -11.20 9.69 -20.12
CA ILE B 252 -9.84 10.17 -20.28
C ILE B 252 -9.61 11.44 -19.45
N GLN B 253 -10.55 12.39 -19.57
CA GLN B 253 -10.45 13.66 -18.88
C GLN B 253 -10.52 13.50 -17.36
N GLU B 254 -11.42 12.63 -16.90
CA GLU B 254 -11.41 12.22 -15.50
C GLU B 254 -10.03 11.69 -15.09
N TYR B 255 -9.46 10.78 -15.86
CA TYR B 255 -8.09 10.36 -15.63
C TYR B 255 -7.18 11.57 -15.40
N VAL B 256 -7.11 12.46 -16.40
CA VAL B 256 -6.28 13.65 -16.34
C VAL B 256 -6.56 14.50 -15.12
N ASP B 257 -7.82 14.80 -14.80
CA ASP B 257 -8.15 15.52 -13.58
C ASP B 257 -7.52 14.89 -12.35
N TYR B 258 -7.71 13.58 -12.16
CA TYR B 258 -7.20 12.89 -10.99
C TYR B 258 -5.72 12.57 -11.06
N ASN B 259 -5.16 12.47 -12.26
CA ASN B 259 -3.72 12.29 -12.40
C ASN B 259 -3.00 13.64 -12.40
N GLY B 260 -3.73 14.70 -12.70
CA GLY B 260 -3.16 16.03 -12.81
C GLY B 260 -2.27 16.15 -14.04
N GLY B 261 -2.68 15.54 -15.15
CA GLY B 261 -1.89 15.54 -16.36
C GLY B 261 -1.81 14.16 -16.99
N ALA B 262 -0.94 14.03 -18.00
CA ALA B 262 -0.83 12.78 -18.75
C ALA B 262 -0.14 11.69 -17.96
N GLY B 263 -0.46 10.44 -18.28
CA GLY B 263 0.23 9.30 -17.67
C GLY B 263 -0.36 7.96 -18.09
N VAL B 264 0.13 6.89 -17.50
CA VAL B 264 -0.35 5.53 -17.78
C VAL B 264 -1.75 5.30 -17.23
N GLN B 265 -2.68 4.93 -18.11
CA GLN B 265 -4.04 4.60 -17.70
C GLN B 265 -4.15 3.13 -17.31
N HIS B 266 -3.73 2.23 -18.20
CA HIS B 266 -3.74 0.81 -17.86
C HIS B 266 -2.56 0.04 -18.44
N ILE B 267 -2.25 -1.05 -17.74
CA ILE B 267 -1.27 -2.03 -18.18
C ILE B 267 -2.00 -3.34 -18.51
N ALA B 268 -1.75 -3.84 -19.72
CA ALA B 268 -2.37 -5.08 -20.17
C ALA B 268 -1.37 -6.24 -20.06
N LEU B 269 -1.76 -7.26 -19.31
CA LEU B 269 -0.91 -8.42 -19.09
C LEU B 269 -1.52 -9.62 -19.80
N ARG B 270 -0.71 -10.33 -20.59
CA ARG B 270 -1.26 -11.42 -21.40
C ARG B 270 -1.05 -12.78 -20.74
N THR B 271 -2.10 -13.59 -20.87
CA THR B 271 -2.12 -14.97 -20.43
C THR B 271 -2.44 -15.89 -21.61
N GLU B 272 -1.98 -17.14 -21.53
CA GLU B 272 -2.36 -18.14 -22.52
C GLU B 272 -3.59 -18.93 -22.10
N ASP B 273 -4.13 -18.69 -20.91
CA ASP B 273 -5.36 -19.36 -20.48
C ASP B 273 -6.09 -18.44 -19.50
N ILE B 274 -7.05 -17.68 -20.02
CA ILE B 274 -7.66 -16.61 -19.23
C ILE B 274 -8.69 -17.15 -18.25
N ILE B 275 -9.35 -18.25 -18.59
CA ILE B 275 -10.26 -18.91 -17.63
C ILE B 275 -9.51 -19.26 -16.35
N THR B 276 -8.40 -19.99 -16.44
CA THR B 276 -7.61 -20.34 -15.27
C THR B 276 -7.02 -19.12 -14.59
N THR B 277 -6.51 -18.15 -15.36
CA THR B 277 -5.96 -16.91 -14.82
C THR B 277 -6.98 -16.15 -13.98
N ILE B 278 -8.18 -15.95 -14.52
CA ILE B 278 -9.20 -15.16 -13.83
C ILE B 278 -9.80 -15.90 -12.66
N ARG B 279 -9.98 -17.22 -12.78
CA ARG B 279 -10.38 -18.04 -11.65
C ARG B 279 -9.40 -17.93 -10.49
N HIS B 280 -8.10 -17.96 -10.77
CA HIS B 280 -7.08 -17.88 -9.73
C HIS B 280 -6.90 -16.47 -9.19
N LEU B 281 -7.02 -15.44 -10.02
CA LEU B 281 -7.02 -14.06 -9.53
C LEU B 281 -8.21 -13.79 -8.64
N ARG B 282 -9.38 -14.28 -9.04
CA ARG B 282 -10.59 -14.18 -8.23
C ARG B 282 -10.48 -14.94 -6.92
N GLU B 283 -9.89 -16.12 -6.91
CA GLU B 283 -9.62 -16.85 -5.66
C GLU B 283 -8.70 -16.10 -4.72
N ARG B 284 -7.76 -15.33 -5.25
CA ARG B 284 -6.88 -14.46 -4.47
C ARG B 284 -7.55 -13.18 -4.01
N GLY B 285 -8.70 -12.82 -4.56
CA GLY B 285 -9.49 -11.72 -4.03
C GLY B 285 -9.55 -10.52 -4.95
N MET B 286 -8.94 -10.60 -6.13
CA MET B 286 -8.94 -9.49 -7.07
C MET B 286 -10.35 -9.22 -7.60
N GLU B 287 -10.73 -7.96 -7.72
CA GLU B 287 -12.06 -7.61 -8.23
C GLU B 287 -11.99 -7.04 -9.64
N PHE B 288 -13.01 -7.39 -10.44
CA PHE B 288 -13.08 -6.97 -11.83
C PHE B 288 -14.31 -6.11 -12.06
N LEU B 289 -14.42 -5.49 -13.23
CA LEU B 289 -15.57 -4.65 -13.54
C LEU B 289 -16.82 -5.50 -13.72
N ALA B 290 -17.98 -4.89 -13.53
CA ALA B 290 -19.25 -5.58 -13.71
C ALA B 290 -19.63 -5.64 -15.19
N VAL B 291 -20.14 -6.79 -15.63
CA VAL B 291 -20.71 -6.95 -16.96
C VAL B 291 -22.15 -7.43 -16.81
N PRO B 292 -23.10 -6.75 -17.42
CA PRO B 292 -24.50 -7.15 -17.34
C PRO B 292 -24.75 -8.43 -18.10
N SER B 293 -25.64 -9.29 -17.62
CA SER B 293 -25.87 -10.58 -18.25
C SER B 293 -26.44 -10.47 -19.66
N SER B 294 -27.06 -9.37 -20.05
CA SER B 294 -27.44 -9.12 -21.43
C SER B 294 -26.26 -9.01 -22.39
N TYR B 295 -25.08 -8.59 -21.95
CA TYR B 295 -23.88 -8.71 -22.77
C TYR B 295 -23.73 -10.14 -23.30
N TYR B 296 -23.78 -11.13 -22.42
CA TYR B 296 -23.71 -12.52 -22.83
C TYR B 296 -24.89 -12.93 -23.69
N ARG B 297 -26.10 -12.49 -23.34
CA ARG B 297 -27.26 -12.71 -24.21
C ARG B 297 -26.94 -12.31 -25.64
N LEU B 298 -26.58 -11.06 -25.89
CA LEU B 298 -26.20 -10.61 -27.22
C LEU B 298 -25.01 -11.38 -27.78
N LEU B 299 -23.95 -11.57 -27.01
CA LEU B 299 -22.78 -12.26 -27.51
C LEU B 299 -23.12 -13.64 -28.05
N ARG B 300 -23.92 -14.43 -27.33
CA ARG B 300 -24.29 -15.76 -27.78
C ARG B 300 -25.02 -15.74 -29.13
N GLU B 301 -26.00 -14.87 -29.33
CA GLU B 301 -26.74 -14.83 -30.58
C GLU B 301 -25.93 -14.25 -31.74
N ASN B 302 -25.09 -13.26 -31.45
CA ASN B 302 -24.15 -12.75 -32.43
C ASN B 302 -23.22 -13.86 -32.96
N LEU B 303 -22.71 -14.71 -32.09
CA LEU B 303 -21.75 -15.74 -32.46
C LEU B 303 -22.32 -16.85 -33.36
N LYS B 304 -23.59 -17.20 -33.19
CA LYS B 304 -24.22 -18.24 -33.98
C LYS B 304 -23.96 -18.08 -35.47
N THR B 305 -24.30 -16.90 -35.98
CA THR B 305 -24.09 -16.57 -37.37
C THR B 305 -22.68 -16.06 -37.66
N SER B 306 -21.64 -16.86 -37.48
CA SER B 306 -20.31 -16.38 -37.84
C SER B 306 -19.22 -17.43 -37.91
N LYS B 307 -18.23 -17.05 -38.69
CA LYS B 307 -17.06 -17.80 -39.10
C LYS B 307 -16.26 -18.34 -37.92
N ILE B 308 -15.96 -17.43 -37.01
CA ILE B 308 -15.19 -17.66 -35.80
C ILE B 308 -15.95 -18.47 -34.76
N GLN B 309 -15.35 -19.42 -34.05
CA GLN B 309 -16.03 -19.94 -32.86
C GLN B 309 -15.07 -20.02 -31.68
N VAL B 310 -15.56 -19.48 -30.57
CA VAL B 310 -14.78 -19.34 -29.35
C VAL B 310 -14.52 -20.70 -28.72
N LYS B 311 -13.25 -21.00 -28.48
CA LYS B 311 -12.85 -22.29 -27.92
C LYS B 311 -13.23 -22.39 -26.44
N GLU B 312 -13.11 -21.28 -25.73
CA GLU B 312 -13.36 -21.24 -24.30
C GLU B 312 -14.84 -21.37 -23.99
N ASN B 313 -15.14 -22.18 -22.98
CA ASN B 313 -16.52 -22.44 -22.57
C ASN B 313 -17.26 -21.14 -22.29
N MET B 314 -18.36 -20.90 -22.99
CA MET B 314 -19.08 -19.63 -22.87
C MET B 314 -19.76 -19.47 -21.51
N ASP B 315 -20.22 -20.58 -20.94
CA ASP B 315 -20.86 -20.57 -19.63
C ASP B 315 -19.92 -20.09 -18.53
N VAL B 316 -18.66 -20.51 -18.59
CA VAL B 316 -17.65 -20.12 -17.63
C VAL B 316 -17.12 -18.71 -17.88
N LEU B 317 -17.04 -18.31 -19.14
CA LEU B 317 -16.67 -16.94 -19.48
C LEU B 317 -17.64 -15.96 -18.84
N GLU B 318 -18.94 -16.19 -19.07
CA GLU B 318 -19.99 -15.41 -18.45
C GLU B 318 -19.94 -15.45 -16.93
N GLU B 319 -19.77 -16.61 -16.30
CA GLU B 319 -19.63 -16.65 -14.85
C GLU B 319 -18.51 -15.73 -14.37
N LEU B 320 -17.38 -15.77 -15.05
CA LEU B 320 -16.19 -15.00 -14.76
C LEU B 320 -16.20 -13.53 -15.15
N LYS B 321 -17.12 -13.09 -15.99
CA LYS B 321 -17.22 -11.70 -16.43
C LYS B 321 -16.10 -11.34 -17.42
N ILE B 322 -15.75 -12.29 -18.28
CA ILE B 322 -14.76 -12.04 -19.33
C ILE B 322 -15.43 -11.52 -20.59
N LEU B 323 -14.83 -10.50 -21.20
CA LEU B 323 -15.34 -9.92 -22.44
C LEU B 323 -14.71 -10.58 -23.65
N VAL B 324 -15.47 -10.69 -24.74
CA VAL B 324 -15.00 -11.29 -25.98
C VAL B 324 -15.15 -10.27 -27.12
N ASP B 325 -14.17 -10.15 -28.01
CA ASP B 325 -14.37 -9.36 -29.23
C ASP B 325 -13.77 -10.13 -30.40
N TYR B 326 -14.43 -10.15 -31.55
CA TYR B 326 -13.99 -11.05 -32.61
C TYR B 326 -14.05 -10.46 -34.02
N ASP B 327 -13.10 -10.91 -34.84
CA ASP B 327 -13.09 -10.62 -36.26
C ASP B 327 -13.41 -11.89 -37.07
N GLU B 328 -12.80 -12.00 -38.24
CA GLU B 328 -12.95 -13.10 -39.15
C GLU B 328 -11.93 -14.21 -39.02
N LYS B 329 -10.84 -14.12 -38.26
CA LYS B 329 -10.14 -15.34 -37.88
C LYS B 329 -10.27 -15.50 -36.37
N GLY B 330 -9.86 -14.41 -35.71
CA GLY B 330 -9.67 -14.49 -34.30
C GLY B 330 -10.58 -13.66 -33.43
N TYR B 331 -10.24 -13.81 -32.16
CA TYR B 331 -10.99 -13.16 -31.11
C TYR B 331 -10.00 -12.90 -29.98
N LEU B 332 -10.25 -11.79 -29.29
CA LEU B 332 -9.54 -11.55 -28.05
C LEU B 332 -10.47 -11.95 -26.90
N LEU B 333 -9.86 -12.34 -25.79
CA LEU B 333 -10.59 -12.34 -24.52
C LEU B 333 -9.91 -11.33 -23.59
N GLN B 334 -10.70 -10.47 -22.96
CA GLN B 334 -10.13 -9.47 -22.07
C GLN B 334 -11.00 -9.24 -20.84
N ILE B 335 -10.38 -8.69 -19.81
CA ILE B 335 -11.07 -8.32 -18.58
C ILE B 335 -10.25 -7.31 -17.80
N PHE B 336 -10.97 -6.39 -17.17
CA PHE B 336 -10.39 -5.23 -16.50
C PHE B 336 -10.59 -5.29 -15.00
N THR B 337 -9.50 -5.14 -14.26
CA THR B 337 -9.57 -5.03 -12.82
C THR B 337 -10.26 -3.73 -12.40
N LYS B 338 -10.69 -3.70 -11.14
CA LYS B 338 -10.93 -2.42 -10.47
C LYS B 338 -9.61 -1.64 -10.41
N PRO B 339 -9.73 -0.32 -10.25
CA PRO B 339 -8.58 0.54 -10.06
C PRO B 339 -7.63 0.00 -9.00
N MET B 340 -6.35 0.29 -9.16
CA MET B 340 -5.33 -0.12 -8.20
C MET B 340 -5.21 0.83 -7.02
N GLN B 341 -5.98 1.90 -7.00
CA GLN B 341 -5.93 2.97 -6.02
C GLN B 341 -7.30 3.64 -5.93
N ASP B 342 -7.49 4.51 -4.94
CA ASP B 342 -8.77 5.18 -4.78
C ASP B 342 -9.01 6.23 -5.85
N ARG B 343 -7.98 7.00 -6.21
CA ARG B 343 -8.10 7.86 -7.39
C ARG B 343 -8.48 7.00 -8.59
N PRO B 344 -9.30 7.55 -9.47
CA PRO B 344 -9.69 6.88 -10.69
C PRO B 344 -8.65 7.04 -11.81
N THR B 345 -7.46 6.50 -11.59
CA THR B 345 -6.37 6.56 -12.56
C THR B 345 -6.07 5.15 -13.09
N LEU B 346 -5.11 4.47 -12.50
CA LEU B 346 -4.55 3.25 -13.04
C LEU B 346 -5.42 2.01 -12.80
N PHE B 347 -5.57 1.19 -13.83
CA PHE B 347 -6.13 -0.15 -13.67
C PHE B 347 -5.32 -1.14 -14.52
N LEU B 348 -5.62 -2.43 -14.38
CA LEU B 348 -4.92 -3.45 -15.14
C LEU B 348 -5.91 -4.19 -16.07
N GLU B 349 -5.34 -4.79 -17.11
CA GLU B 349 -6.11 -5.61 -18.03
C GLU B 349 -5.45 -6.97 -18.17
N VAL B 350 -6.28 -8.01 -18.20
CA VAL B 350 -5.81 -9.36 -18.55
C VAL B 350 -6.37 -9.67 -19.94
N ILE B 351 -5.51 -10.02 -20.90
CA ILE B 351 -5.98 -10.27 -22.25
C ILE B 351 -5.46 -11.61 -22.76
N GLN B 352 -6.29 -12.34 -23.51
CA GLN B 352 -5.81 -13.49 -24.26
C GLN B 352 -6.16 -13.29 -25.74
N ARG B 353 -5.25 -13.68 -26.63
CA ARG B 353 -5.43 -13.43 -28.05
C ARG B 353 -5.60 -14.72 -28.84
N HIS B 354 -6.61 -14.76 -29.70
CA HIS B 354 -6.69 -15.87 -30.65
C HIS B 354 -6.60 -15.37 -32.07
N ASN B 355 -5.39 -15.21 -32.58
CA ASN B 355 -5.16 -14.64 -33.90
C ASN B 355 -5.84 -13.30 -34.11
N HIS B 356 -5.90 -12.42 -33.12
CA HIS B 356 -6.49 -11.10 -33.26
C HIS B 356 -5.52 -10.06 -32.70
N GLN B 357 -5.66 -8.82 -33.16
CA GLN B 357 -4.72 -7.75 -32.83
C GLN B 357 -5.40 -6.47 -32.38
N GLY B 358 -6.71 -6.40 -32.53
CA GLY B 358 -7.48 -5.25 -32.05
C GLY B 358 -7.48 -5.25 -30.53
N PHE B 359 -8.23 -4.35 -29.87
CA PHE B 359 -7.99 -4.09 -28.46
C PHE B 359 -9.22 -4.10 -27.57
N GLY B 360 -10.38 -4.50 -28.07
CA GLY B 360 -11.59 -4.50 -27.25
C GLY B 360 -12.62 -3.55 -27.83
N ALA B 361 -12.26 -3.03 -29.00
CA ALA B 361 -13.09 -2.19 -29.84
C ALA B 361 -14.58 -2.39 -29.65
N GLY B 362 -15.10 -3.56 -30.00
CA GLY B 362 -16.52 -3.86 -29.88
C GLY B 362 -17.07 -3.82 -28.48
N ASN B 363 -16.34 -4.30 -27.48
CA ASN B 363 -16.81 -4.39 -26.11
C ASN B 363 -16.93 -3.03 -25.44
N PHE B 364 -15.96 -2.19 -25.78
CA PHE B 364 -16.02 -0.77 -25.48
C PHE B 364 -17.43 -0.22 -25.64
N ASN B 365 -18.07 -0.46 -26.77
CA ASN B 365 -19.46 -0.10 -27.00
C ASN B 365 -20.44 -1.09 -26.36
N SER B 366 -20.20 -2.38 -26.47
CA SER B 366 -20.84 -3.46 -25.75
C SER B 366 -21.40 -4.50 -26.71
FE FE C . 5.01 -1.81 23.60
FE FE D . -4.96 -22.75 12.99
O30 869 E . 13.11 -2.84 16.95
C31 869 E . 14.49 -3.20 17.13
C24 869 E . 11.22 -3.39 18.50
C25 869 E . 10.77 -3.53 19.83
C26 869 E . 11.71 -3.26 20.85
C27 869 E . 13.01 -2.89 20.63
C28 869 E . 13.43 -2.76 19.30
C29 869 E . 12.52 -3.01 18.24
C1 869 E . 9.86 -2.74 22.18
C2 869 E . 9.18 -3.06 23.40
C3 869 E . 9.80 -4.06 24.17
C4 869 E . 11.02 -4.72 23.79
C5 869 E . 11.65 -4.45 22.58
C6 869 E . 11.04 -3.42 21.77
C7 869 E . 9.30 -1.74 21.36
C9 869 E . 8.58 -1.41 25.06
C15 869 E . 7.46 -0.68 25.14
C18 869 E . 9.67 -1.08 25.81
N16 869 E . 7.81 0.27 26.03
N17 869 E . 9.23 0.01 26.44
O19 869 E . 6.20 -0.66 24.59
C8 869 E . 8.04 -2.26 24.24
O10 869 E . 6.83 -2.36 23.70
S11 869 E . 12.99 -5.19 22.36
O13 869 E . 13.52 -5.29 23.44
O12 869 E . 13.87 -4.49 21.58
C14 869 E . 13.05 -6.29 21.90
C20 869 E . 7.31 1.65 26.60
C21 869 E . 7.77 2.69 25.56
C22 869 E . 5.86 1.67 26.89
C23 869 E . 7.98 2.17 27.90
FE FE F . -6.20 -2.40 -23.36
FE FE G . -7.26 -23.88 -9.39
O30 869 H . -14.00 2.07 -17.26
C31 869 H . -12.39 1.92 -16.50
C24 869 H . -12.61 0.37 -18.25
C25 869 H . -12.23 -0.36 -19.37
C26 869 H . -12.79 -0.11 -20.66
C27 869 H . -13.78 0.85 -20.83
C28 869 H . -14.19 1.59 -19.70
C29 869 H . -13.61 1.35 -18.42
C1 869 H . -11.11 -0.68 -22.32
C2 869 H . -10.70 -1.45 -23.47
C3 869 H . -11.69 -2.29 -24.00
C4 869 H . -13.01 -2.41 -23.43
C5 869 H . -13.40 -1.68 -22.29
C6 869 H . -12.40 -0.77 -21.74
C7 869 H . -10.10 0.16 -21.76
C9 869 H . -9.32 -0.51 -24.93
C15 869 H . -8.03 -0.38 -25.21
C18 869 H . -10.21 0.26 -25.62
N16 869 H . -8.02 0.54 -26.22
N17 869 H . -9.39 0.94 -26.44
O19 869 H . -6.86 -1.01 -24.78
C8 869 H . -9.22 -1.62 -23.83
O10 869 H . -8.11 -2.09 -23.46
S11 869 H . -14.76 -1.86 -21.78
O13 869 H . -15.62 -2.69 -22.47
O12 869 H . -15.48 -0.71 -21.54
C14 869 H . -14.37 -2.52 -20.26
C20 869 H . -6.92 1.07 -26.84
C21 869 H . -6.67 2.35 -26.02
C22 869 H . -5.64 0.29 -26.76
C23 869 H . -7.09 1.48 -28.32
#